data_7TVJ
#
_entry.id   7TVJ
#
_cell.length_a   48.460
_cell.length_b   48.490
_cell.length_c   102.070
_cell.angle_alpha   80.140
_cell.angle_beta   77.530
_cell.angle_gamma   61.630
#
_symmetry.space_group_name_H-M   'P 1'
#
loop_
_entity.id
_entity.type
_entity.pdbx_description
1 polymer 'Tyrosine-protein phosphatase non-receptor type 11'
2 polymer Mb(SHP2PTP_13)
3 non-polymer 'CITRATE ANION'
4 water water
#
loop_
_entity_poly.entity_id
_entity_poly.type
_entity_poly.pdbx_seq_one_letter_code
_entity_poly.pdbx_strand_id
1 'polypeptide(L)'
;GSAEIESRVRELSKLAETTDKVKQGFWEEFETLQQQECKLLYSRKEGQRQENKNKNRYKNILPFDHTRVVLHDGDPNEPV
SDYINANIIMPEFETKCNNSKPKKSYIATQGCLQNTVNDFWRMVFQENSRVIVMTTKEVERGKSKCVKYWPDEYALKEYG
VMRVRNVKESAAHDYTLRELKLSKVGQGNTERTVWQYHFRTWPDHGVPSDPGGVLDFLEEVHHKQESIMDAGPVVVHCSA
GIGRTGTFIVIDILIDIIREKGVDCDIDVPKTIQMVRSQRSGMVQTEAQYRFIYMAVQHYIETL
;
A,D
2 'polypeptide(L)'
;GSVSSVPTKLEVVAATPTSLLISWDAVDEWYVSYYRITYGETGGNSPVQEFTVPGYSSTATISGLSPGVDYTITVYAYPL
WSQGGSPISINYRT
;
B,E
#
# COMPACT_ATOMS: atom_id res chain seq x y z
N TRP A 27 -15.37 27.87 5.31
CA TRP A 27 -15.45 27.38 6.69
C TRP A 27 -15.38 25.87 6.73
N GLU A 28 -16.17 25.26 7.62
CA GLU A 28 -16.21 23.81 7.78
C GLU A 28 -17.11 23.12 6.77
N GLU A 29 -17.76 23.88 5.87
CA GLU A 29 -18.63 23.27 4.88
C GLU A 29 -17.85 22.48 3.84
N PHE A 30 -16.62 22.93 3.54
CA PHE A 30 -15.80 22.23 2.55
C PHE A 30 -15.53 20.79 2.99
N GLU A 31 -15.29 20.59 4.29
CA GLU A 31 -15.10 19.23 4.80
C GLU A 31 -16.37 18.41 4.64
N THR A 32 -17.53 19.04 4.81
CA THR A 32 -18.80 18.32 4.59
C THR A 32 -18.93 17.88 3.14
N LEU A 33 -18.58 18.75 2.19
CA LEU A 33 -18.62 18.34 0.79
C LEU A 33 -17.62 17.23 0.51
N GLN A 34 -16.40 17.33 1.06
CA GLN A 34 -15.40 16.30 0.86
C GLN A 34 -15.89 14.95 1.38
N GLN A 35 -16.52 14.94 2.55
CA GLN A 35 -17.09 13.70 3.07
C GLN A 35 -18.26 13.23 2.21
N GLN A 36 -19.00 14.16 1.61
CA GLN A 36 -20.07 13.78 0.70
C GLN A 36 -19.54 13.08 -0.54
N GLU A 37 -18.31 13.41 -0.95
CA GLU A 37 -17.71 12.77 -2.11
C GLU A 37 -16.86 11.55 -1.75
N CYS A 38 -17.05 10.97 -0.57
CA CYS A 38 -16.31 9.76 -0.23
C CYS A 38 -16.83 8.54 -1.00
N LYS A 39 -18.03 8.61 -1.55
CA LYS A 39 -18.56 7.60 -2.45
C LYS A 39 -19.22 8.30 -3.62
N LEU A 40 -18.86 7.91 -4.84
CA LEU A 40 -19.40 8.54 -6.04
C LEU A 40 -20.67 7.82 -6.48
N LEU A 41 -21.68 8.60 -6.86
CA LEU A 41 -23.01 8.09 -7.14
C LEU A 41 -23.24 7.77 -8.61
N TYR A 42 -22.23 7.94 -9.47
CA TYR A 42 -22.36 7.65 -10.89
C TYR A 42 -21.13 6.89 -11.36
N SER A 43 -21.33 6.03 -12.35
CA SER A 43 -20.28 5.12 -12.79
C SER A 43 -19.20 5.85 -13.58
N ARG A 44 -18.00 5.28 -13.54
CA ARG A 44 -16.85 5.71 -14.34
C ARG A 44 -16.21 4.51 -15.02
N LYS A 45 -17.03 3.72 -15.72
CA LYS A 45 -16.57 2.44 -16.24
C LYS A 45 -15.71 2.61 -17.49
N GLU A 46 -16.07 3.53 -18.38
CA GLU A 46 -15.32 3.69 -19.62
C GLU A 46 -13.87 4.06 -19.36
N GLY A 47 -13.62 4.85 -18.32
CA GLY A 47 -12.25 5.20 -17.96
C GLY A 47 -11.48 4.08 -17.29
N GLN A 48 -12.17 3.05 -16.80
CA GLN A 48 -11.53 1.93 -16.13
C GLN A 48 -11.24 0.77 -17.06
N ARG A 49 -11.60 0.88 -18.34
CA ARG A 49 -11.28 -0.17 -19.29
C ARG A 49 -9.77 -0.29 -19.47
N GLN A 50 -9.31 -1.51 -19.75
CA GLN A 50 -7.89 -1.74 -19.99
C GLN A 50 -7.39 -0.87 -21.14
N GLU A 51 -8.14 -0.85 -22.25
CA GLU A 51 -7.74 -0.11 -23.44
C GLU A 51 -7.65 1.39 -23.21
N ASN A 52 -8.05 1.88 -22.04
CA ASN A 52 -7.96 3.30 -21.71
C ASN A 52 -6.98 3.59 -20.59
N LYS A 53 -6.29 2.56 -20.08
CA LYS A 53 -5.47 2.75 -18.88
C LYS A 53 -4.34 3.75 -19.09
N ASN A 54 -3.89 3.91 -20.34
CA ASN A 54 -2.81 4.83 -20.67
CA ASN A 54 -2.80 4.84 -20.65
C ASN A 54 -3.29 6.23 -21.03
N LYS A 55 -4.59 6.51 -20.88
CA LYS A 55 -5.14 7.79 -21.26
C LYS A 55 -5.47 8.68 -20.07
N ASN A 56 -5.16 8.26 -18.85
CA ASN A 56 -5.46 9.02 -17.65
C ASN A 56 -4.17 9.36 -16.92
N ARG A 57 -4.04 10.61 -16.48
CA ARG A 57 -2.88 11.01 -15.69
C ARG A 57 -2.84 10.27 -14.35
N TYR A 58 -3.99 10.20 -13.68
CA TYR A 58 -4.12 9.48 -12.42
C TYR A 58 -5.18 8.40 -12.58
N LYS A 59 -5.04 7.32 -11.81
CA LYS A 59 -6.00 6.23 -11.88
C LYS A 59 -7.25 6.46 -11.04
N ASN A 60 -7.26 7.49 -10.19
CA ASN A 60 -8.41 7.80 -9.36
C ASN A 60 -9.14 9.07 -9.81
N ILE A 61 -8.69 9.70 -10.89
CA ILE A 61 -9.39 10.85 -11.46
C ILE A 61 -9.96 10.45 -12.81
N LEU A 62 -11.22 10.03 -12.82
CA LEU A 62 -11.84 9.49 -14.02
C LEU A 62 -13.13 10.22 -14.33
N PRO A 63 -13.49 10.35 -15.61
CA PRO A 63 -14.74 11.02 -15.97
C PRO A 63 -15.96 10.15 -15.75
N PHE A 64 -17.06 10.80 -15.39
CA PHE A 64 -18.33 10.10 -15.29
C PHE A 64 -18.80 9.66 -16.67
N ASP A 65 -19.41 8.47 -16.73
CA ASP A 65 -19.84 7.94 -18.03
C ASP A 65 -20.93 8.81 -18.66
N HIS A 66 -21.85 9.31 -17.85
CA HIS A 66 -23.02 10.02 -18.37
C HIS A 66 -22.74 11.47 -18.73
N THR A 67 -21.56 11.99 -18.41
CA THR A 67 -21.17 13.33 -18.84
C THR A 67 -19.85 13.37 -19.60
N ARG A 68 -19.22 12.23 -19.84
CA ARG A 68 -17.94 12.22 -20.53
C ARG A 68 -18.11 12.65 -21.99
N VAL A 69 -17.04 13.18 -22.55
CA VAL A 69 -17.03 13.56 -23.96
C VAL A 69 -16.69 12.33 -24.79
N VAL A 70 -17.57 12.01 -25.74
CA VAL A 70 -17.38 10.87 -26.63
C VAL A 70 -16.76 11.38 -27.92
N LEU A 71 -15.61 10.82 -28.29
CA LEU A 71 -14.86 11.26 -29.45
C LEU A 71 -15.22 10.44 -30.68
N HIS A 72 -15.42 11.13 -31.80
CA HIS A 72 -15.65 10.48 -33.08
C HIS A 72 -14.38 10.50 -33.93
N ASP A 73 -14.42 9.73 -35.01
CA ASP A 73 -13.38 9.76 -36.05
C ASP A 73 -12.00 9.47 -35.48
N GLY A 74 -11.91 8.43 -34.66
CA GLY A 74 -10.64 7.95 -34.17
C GLY A 74 -9.93 7.07 -35.17
N ASP A 75 -8.71 6.71 -34.82
CA ASP A 75 -7.95 5.79 -35.66
C ASP A 75 -8.45 4.37 -35.43
N PRO A 76 -9.01 3.70 -36.45
CA PRO A 76 -9.56 2.36 -36.24
C PRO A 76 -8.52 1.32 -35.84
N ASN A 77 -7.23 1.62 -35.99
CA ASN A 77 -6.19 0.70 -35.54
C ASN A 77 -6.19 0.53 -34.03
N GLU A 78 -6.69 1.51 -33.29
CA GLU A 78 -6.77 1.43 -31.83
C GLU A 78 -8.10 0.79 -31.41
N PRO A 79 -8.07 -0.11 -30.43
CA PRO A 79 -9.31 -0.76 -30.00
C PRO A 79 -10.37 0.21 -29.51
N VAL A 80 -9.96 1.23 -28.76
CA VAL A 80 -10.86 2.27 -28.27
C VAL A 80 -10.30 3.63 -28.66
N SER A 81 -11.10 4.42 -29.37
CA SER A 81 -10.68 5.74 -29.81
C SER A 81 -11.72 6.82 -29.51
N ASP A 82 -12.72 6.52 -28.68
CA ASP A 82 -13.76 7.48 -28.34
C ASP A 82 -13.61 8.03 -26.93
N TYR A 83 -12.49 7.76 -26.27
CA TYR A 83 -12.33 8.12 -24.86
C TYR A 83 -11.35 9.27 -24.70
N ILE A 84 -11.70 10.19 -23.80
CA ILE A 84 -10.78 11.21 -23.31
C ILE A 84 -11.22 11.57 -21.90
N ASN A 85 -10.24 11.78 -21.01
CA ASN A 85 -10.53 12.15 -19.63
C ASN A 85 -11.04 13.58 -19.63
N ALA A 86 -12.31 13.73 -20.04
CA ALA A 86 -12.93 15.04 -20.18
C ALA A 86 -14.42 14.91 -19.88
N ASN A 87 -14.98 15.95 -19.27
CA ASN A 87 -16.39 15.98 -18.91
C ASN A 87 -17.02 17.29 -19.37
N ILE A 88 -18.26 17.18 -19.85
CA ILE A 88 -19.07 18.36 -20.14
C ILE A 88 -19.68 18.85 -18.84
N ILE A 89 -19.52 20.14 -18.54
CA ILE A 89 -19.99 20.75 -17.31
CA ILE A 89 -20.00 20.74 -17.31
C ILE A 89 -21.04 21.79 -17.69
N MET A 90 -22.27 21.60 -17.22
CA MET A 90 -23.37 22.50 -17.51
C MET A 90 -23.88 23.16 -16.23
N PRO A 91 -24.17 24.46 -16.26
CA PRO A 91 -24.82 25.09 -15.11
C PRO A 91 -26.30 24.70 -15.06
N GLU A 92 -26.80 24.50 -13.84
CA GLU A 92 -28.19 24.11 -13.64
C GLU A 92 -28.61 24.26 -12.19
N PHE A 93 -29.64 25.05 -11.93
CA PHE A 93 -30.15 25.23 -10.58
C PHE A 93 -30.85 23.97 -10.09
N PRO A 102 -24.02 25.10 -25.06
CA PRO A 102 -22.56 24.98 -25.21
C PRO A 102 -21.83 26.29 -24.92
N LYS A 103 -22.43 27.42 -25.31
CA LYS A 103 -21.83 28.72 -25.03
C LYS A 103 -21.67 28.93 -23.53
N LYS A 104 -22.66 28.53 -22.74
CA LYS A 104 -22.62 28.67 -21.30
C LYS A 104 -22.16 27.40 -20.59
N SER A 105 -21.72 26.39 -21.34
CA SER A 105 -21.19 25.16 -20.78
C SER A 105 -19.67 25.12 -20.94
N TYR A 106 -19.04 24.17 -20.27
CA TYR A 106 -17.59 24.05 -20.26
C TYR A 106 -17.18 22.61 -20.54
N ILE A 107 -15.90 22.43 -20.83
CA ILE A 107 -15.27 21.12 -20.89
C ILE A 107 -14.14 21.13 -19.86
N ALA A 108 -14.25 20.27 -18.85
CA ALA A 108 -13.21 20.12 -17.84
C ALA A 108 -12.46 18.83 -18.12
N THR A 109 -11.16 18.95 -18.40
CA THR A 109 -10.34 17.79 -18.74
C THR A 109 -8.96 17.93 -18.10
N GLN A 110 -8.24 16.82 -18.09
CA GLN A 110 -6.89 16.78 -17.55
C GLN A 110 -5.92 17.46 -18.52
N GLY A 111 -4.70 17.70 -18.03
CA GLY A 111 -3.63 18.11 -18.92
C GLY A 111 -3.30 17.01 -19.91
N CYS A 112 -2.87 17.42 -21.10
CA CYS A 112 -2.58 16.45 -22.15
C CYS A 112 -1.43 15.55 -21.74
N LEU A 113 -1.54 14.27 -22.09
CA LEU A 113 -0.39 13.38 -22.10
C LEU A 113 0.20 13.36 -23.50
N GLN A 114 1.42 12.82 -23.61
CA GLN A 114 2.08 12.75 -24.90
C GLN A 114 1.26 11.94 -25.90
N ASN A 115 0.48 11.00 -25.43
CA ASN A 115 -0.30 10.11 -26.29
C ASN A 115 -1.74 10.54 -26.45
N THR A 116 -2.17 11.62 -25.80
CA THR A 116 -3.56 12.07 -25.86
C THR A 116 -3.70 13.47 -26.47
N VAL A 117 -2.64 14.02 -27.08
CA VAL A 117 -2.72 15.35 -27.66
C VAL A 117 -3.65 15.35 -28.87
N ASN A 118 -3.51 14.34 -29.75
CA ASN A 118 -4.40 14.23 -30.89
C ASN A 118 -5.85 14.07 -30.44
N ASP A 119 -6.08 13.33 -29.35
CA ASP A 119 -7.43 13.20 -28.82
C ASP A 119 -7.95 14.53 -28.30
N PHE A 120 -7.08 15.32 -27.65
CA PHE A 120 -7.48 16.65 -27.19
C PHE A 120 -7.91 17.53 -28.35
N TRP A 121 -7.14 17.50 -29.45
CA TRP A 121 -7.49 18.35 -30.59
C TRP A 121 -8.74 17.84 -31.30
N ARG A 122 -8.92 16.51 -31.36
CA ARG A 122 -10.17 15.95 -31.87
C ARG A 122 -11.35 16.42 -31.05
N MET A 123 -11.18 16.49 -29.72
CA MET A 123 -12.26 16.97 -28.86
C MET A 123 -12.54 18.45 -29.11
N VAL A 124 -11.48 19.26 -29.23
CA VAL A 124 -11.67 20.70 -29.44
C VAL A 124 -12.38 20.94 -30.77
N PHE A 125 -12.04 20.16 -31.79
CA PHE A 125 -12.70 20.32 -33.08
C PHE A 125 -14.15 19.84 -33.03
N GLN A 126 -14.39 18.70 -32.38
CA GLN A 126 -15.70 18.07 -32.42
C GLN A 126 -16.75 18.89 -31.69
N GLU A 127 -16.36 19.65 -30.67
CA GLU A 127 -17.28 20.43 -29.86
C GLU A 127 -17.41 21.88 -30.34
N ASN A 128 -16.75 22.24 -31.44
CA ASN A 128 -16.74 23.62 -31.94
C ASN A 128 -16.28 24.59 -30.85
N SER A 129 -15.33 24.14 -30.05
CA SER A 129 -14.79 24.99 -28.98
C SER A 129 -13.92 26.10 -29.56
N ARG A 130 -14.04 27.29 -28.98
CA ARG A 130 -13.28 28.44 -29.44
C ARG A 130 -12.38 29.05 -28.39
N VAL A 131 -12.47 28.63 -27.13
CA VAL A 131 -11.67 29.21 -26.05
C VAL A 131 -11.15 28.08 -25.16
N ILE A 132 -9.84 28.12 -24.88
CA ILE A 132 -9.17 27.19 -23.99
C ILE A 132 -8.52 27.97 -22.86
N VAL A 133 -8.62 27.45 -21.65
CA VAL A 133 -8.06 28.07 -20.45
C VAL A 133 -7.12 27.05 -19.82
N MET A 134 -5.82 27.34 -19.90
CA MET A 134 -4.80 26.55 -19.20
C MET A 134 -4.61 27.14 -17.81
N THR A 135 -4.70 26.29 -16.79
CA THR A 135 -4.64 26.74 -15.41
C THR A 135 -3.26 26.60 -14.78
N THR A 136 -2.33 25.90 -15.43
CA THR A 136 -0.98 25.72 -14.91
C THR A 136 0.02 26.03 -16.01
N LYS A 137 1.30 26.12 -15.62
CA LYS A 137 2.37 26.20 -16.58
C LYS A 137 2.70 24.80 -17.11
N GLU A 138 3.58 24.76 -18.11
CA GLU A 138 4.04 23.47 -18.62
C GLU A 138 4.68 22.64 -17.52
N VAL A 139 5.65 23.22 -16.82
CA VAL A 139 6.28 22.60 -15.67
C VAL A 139 6.25 23.58 -14.51
N GLU A 140 5.92 23.08 -13.32
CA GLU A 140 5.91 23.89 -12.11
C GLU A 140 6.51 23.08 -10.97
N ARG A 141 7.57 23.60 -10.37
CA ARG A 141 8.29 22.93 -9.29
C ARG A 141 8.82 21.56 -9.74
N GLY A 142 9.30 21.50 -10.99
CA GLY A 142 9.88 20.30 -11.54
C GLY A 142 8.91 19.28 -12.07
N LYS A 143 7.63 19.36 -11.69
CA LYS A 143 6.62 18.40 -12.12
C LYS A 143 5.92 18.88 -13.37
N SER A 144 5.79 18.00 -14.36
CA SER A 144 5.12 18.33 -15.61
C SER A 144 3.62 18.32 -15.40
N LYS A 145 2.98 19.48 -15.53
CA LYS A 145 1.55 19.63 -15.31
C LYS A 145 0.74 19.59 -16.60
N CYS A 146 1.17 20.32 -17.62
CA CYS A 146 0.48 20.37 -18.90
CA CYS A 146 0.47 20.36 -18.90
C CYS A 146 1.49 20.19 -20.02
N VAL A 147 1.32 19.13 -20.81
CA VAL A 147 2.22 18.85 -21.93
C VAL A 147 1.90 19.79 -23.07
N LYS A 148 2.93 20.39 -23.66
CA LYS A 148 2.74 21.34 -24.75
C LYS A 148 2.07 20.67 -25.94
N TYR A 149 0.93 21.22 -26.36
CA TYR A 149 0.13 20.67 -27.44
C TYR A 149 -0.10 21.66 -28.58
N TRP A 150 0.57 22.81 -28.55
CA TRP A 150 0.41 23.84 -29.56
C TRP A 150 1.76 24.16 -30.20
N PRO A 151 1.76 24.64 -31.44
CA PRO A 151 3.01 25.09 -32.05
C PRO A 151 3.34 26.52 -31.63
N ASP A 152 4.60 26.88 -31.83
CA ASP A 152 5.07 28.21 -31.47
C ASP A 152 4.49 29.26 -32.41
N GLU A 153 4.76 30.53 -32.10
CA GLU A 153 4.20 31.64 -32.87
C GLU A 153 4.67 31.56 -34.32
N TYR A 154 3.73 31.81 -35.24
CA TYR A 154 3.92 31.78 -36.69
C TYR A 154 4.26 30.39 -37.21
N ALA A 155 4.18 29.36 -36.38
CA ALA A 155 4.44 27.99 -36.78
C ALA A 155 3.13 27.23 -36.97
N LEU A 156 3.24 26.04 -37.57
CA LEU A 156 2.09 25.23 -37.94
C LEU A 156 2.42 23.77 -37.71
N LYS A 157 1.47 23.02 -37.14
CA LYS A 157 1.72 21.61 -36.87
C LYS A 157 0.43 20.82 -37.05
N GLU A 158 0.58 19.57 -37.49
CA GLU A 158 -0.53 18.64 -37.67
C GLU A 158 -0.53 17.62 -36.55
N TYR A 159 -1.65 17.50 -35.86
CA TYR A 159 -1.89 16.50 -34.81
C TYR A 159 -2.93 15.54 -35.35
N GLY A 160 -2.49 14.38 -35.80
CA GLY A 160 -3.40 13.42 -36.41
C GLY A 160 -4.00 14.01 -37.67
N VAL A 161 -5.33 14.17 -37.67
CA VAL A 161 -6.04 14.77 -38.79
C VAL A 161 -6.34 16.24 -38.58
N MET A 162 -5.86 16.82 -37.49
CA MET A 162 -6.12 18.23 -37.19
C MET A 162 -4.89 19.07 -37.56
N ARG A 163 -5.13 20.29 -38.01
CA ARG A 163 -4.07 21.20 -38.42
C ARG A 163 -4.21 22.48 -37.61
N VAL A 164 -3.15 22.83 -36.87
CA VAL A 164 -3.19 23.94 -35.92
C VAL A 164 -2.09 24.92 -36.27
N ARG A 165 -2.49 26.19 -36.43
CA ARG A 165 -1.58 27.28 -36.80
C ARG A 165 -1.65 28.37 -35.73
N ASN A 166 -0.48 28.76 -35.21
CA ASN A 166 -0.38 29.83 -34.21
C ASN A 166 -0.03 31.11 -34.95
N VAL A 167 -1.01 31.99 -35.11
CA VAL A 167 -0.79 33.21 -35.89
C VAL A 167 -0.35 34.40 -35.04
N LYS A 168 -0.65 34.41 -33.75
CA LYS A 168 -0.27 35.55 -32.92
C LYS A 168 -0.24 35.14 -31.46
N GLU A 169 0.76 35.64 -30.74
CA GLU A 169 0.89 35.47 -29.30
C GLU A 169 1.02 36.83 -28.65
N SER A 170 0.15 37.11 -27.70
CA SER A 170 0.19 38.34 -26.90
C SER A 170 0.42 37.97 -25.44
N ALA A 171 0.98 38.92 -24.70
CA ALA A 171 1.32 38.70 -23.30
C ALA A 171 0.75 39.82 -22.44
N ALA A 172 0.06 39.43 -21.37
CA ALA A 172 -0.40 40.35 -20.33
C ALA A 172 0.35 40.04 -19.04
N HIS A 173 -0.04 40.70 -17.96
CA HIS A 173 0.63 40.46 -16.69
C HIS A 173 0.30 39.08 -16.13
N ASP A 174 -0.98 38.67 -16.23
CA ASP A 174 -1.43 37.44 -15.59
C ASP A 174 -1.51 36.25 -16.54
N TYR A 175 -1.50 36.47 -17.85
CA TYR A 175 -1.75 35.38 -18.77
C TYR A 175 -1.08 35.64 -20.11
N THR A 176 -1.06 34.61 -20.95
CA THR A 176 -0.59 34.68 -22.33
C THR A 176 -1.71 34.24 -23.25
N LEU A 177 -2.01 35.05 -24.25
CA LEU A 177 -3.05 34.73 -25.23
C LEU A 177 -2.39 34.21 -26.50
N ARG A 178 -2.90 33.11 -27.03
CA ARG A 178 -2.43 32.55 -28.29
C ARG A 178 -3.62 32.33 -29.20
N GLU A 179 -3.58 32.92 -30.40
CA GLU A 179 -4.66 32.77 -31.36
C GLU A 179 -4.29 31.64 -32.32
N LEU A 180 -5.05 30.55 -32.27
CA LEU A 180 -4.77 29.36 -33.06
C LEU A 180 -5.84 29.20 -34.14
N LYS A 181 -5.48 28.51 -35.21
CA LYS A 181 -6.40 28.21 -36.31
C LYS A 181 -6.49 26.69 -36.44
N LEU A 182 -7.65 26.14 -36.11
CA LEU A 182 -7.87 24.70 -36.10
C LEU A 182 -8.75 24.30 -37.27
N SER A 183 -8.33 23.26 -37.99
CA SER A 183 -9.07 22.77 -39.14
C SER A 183 -8.70 21.32 -39.39
N LYS A 184 -9.55 20.62 -40.14
CA LYS A 184 -9.31 19.24 -40.52
C LYS A 184 -8.50 19.19 -41.81
N VAL A 185 -7.50 18.30 -41.84
CA VAL A 185 -6.64 18.18 -43.00
C VAL A 185 -7.45 17.73 -44.20
N GLY A 186 -7.24 18.38 -45.34
CA GLY A 186 -8.03 18.08 -46.52
C GLY A 186 -9.43 18.64 -46.46
N GLN A 187 -9.67 19.64 -45.61
CA GLN A 187 -10.99 20.25 -45.45
C GLN A 187 -10.85 21.71 -45.04
N GLY A 188 -10.40 22.55 -45.98
CA GLY A 188 -10.08 23.93 -45.65
C GLY A 188 -11.27 24.76 -45.20
N ASN A 189 -12.49 24.33 -45.53
CA ASN A 189 -13.70 25.04 -45.15
C ASN A 189 -14.12 24.75 -43.71
N THR A 190 -13.23 24.19 -42.88
CA THR A 190 -13.54 23.89 -41.48
C THR A 190 -12.67 24.69 -40.51
N GLU A 191 -11.90 25.66 -40.99
CA GLU A 191 -10.99 26.39 -40.14
C GLU A 191 -11.75 27.33 -39.21
N ARG A 192 -11.39 27.32 -37.93
CA ARG A 192 -11.96 28.24 -36.96
C ARG A 192 -10.88 28.68 -35.99
N THR A 193 -11.10 29.84 -35.39
CA THR A 193 -10.14 30.42 -34.46
C THR A 193 -10.41 29.91 -33.06
N VAL A 194 -9.35 29.46 -32.39
CA VAL A 194 -9.41 29.03 -31.00
C VAL A 194 -8.46 29.90 -30.21
N TRP A 195 -8.99 30.62 -29.23
CA TRP A 195 -8.20 31.51 -28.39
C TRP A 195 -7.79 30.76 -27.13
N GLN A 196 -6.48 30.60 -26.93
CA GLN A 196 -5.95 29.87 -25.79
C GLN A 196 -5.43 30.89 -24.79
N TYR A 197 -6.10 30.98 -23.64
CA TYR A 197 -5.70 31.87 -22.55
C TYR A 197 -4.96 31.04 -21.50
N HIS A 198 -3.65 31.23 -21.40
CA HIS A 198 -2.80 30.45 -20.51
C HIS A 198 -2.50 31.30 -19.27
N PHE A 199 -3.09 30.91 -18.15
CA PHE A 199 -2.84 31.59 -16.88
C PHE A 199 -1.49 31.17 -16.32
N ARG A 200 -0.67 32.16 -15.94
CA ARG A 200 0.69 31.87 -15.49
C ARG A 200 1.04 32.44 -14.11
N THR A 201 0.18 33.23 -13.49
CA THR A 201 0.52 33.85 -12.21
C THR A 201 0.20 32.98 -11.01
N TRP A 202 -0.55 31.90 -11.18
CA TRP A 202 -0.98 31.10 -10.04
C TRP A 202 0.25 30.59 -9.29
N PRO A 203 0.32 30.81 -7.98
CA PRO A 203 1.53 30.43 -7.24
C PRO A 203 1.70 28.93 -7.15
N ASP A 204 2.94 28.51 -6.88
CA ASP A 204 3.25 27.08 -6.78
C ASP A 204 2.50 26.44 -5.62
N HIS A 205 2.36 27.15 -4.50
CA HIS A 205 1.63 26.68 -3.34
C HIS A 205 0.51 27.65 -3.02
N GLY A 206 -0.66 27.11 -2.68
CA GLY A 206 -1.77 27.97 -2.32
C GLY A 206 -2.43 28.60 -3.54
N VAL A 207 -3.25 29.62 -3.25
CA VAL A 207 -4.01 30.33 -4.28
C VAL A 207 -3.49 31.76 -4.35
N PRO A 208 -3.86 32.54 -5.37
CA PRO A 208 -3.46 33.95 -5.39
C PRO A 208 -4.00 34.71 -4.18
N SER A 209 -3.17 35.58 -3.61
CA SER A 209 -3.58 36.35 -2.44
C SER A 209 -4.68 37.35 -2.79
N ASP A 210 -4.72 37.81 -4.04
CA ASP A 210 -5.75 38.72 -4.51
C ASP A 210 -6.40 38.15 -5.76
N PRO A 211 -7.72 38.23 -5.86
CA PRO A 211 -8.43 37.63 -7.01
C PRO A 211 -8.63 38.55 -8.22
N GLY A 212 -8.03 39.74 -8.22
CA GLY A 212 -8.24 40.67 -9.32
C GLY A 212 -7.74 40.13 -10.65
N GLY A 213 -6.59 39.46 -10.62
CA GLY A 213 -6.05 38.90 -11.85
C GLY A 213 -6.97 37.85 -12.46
N VAL A 214 -7.46 36.93 -11.63
CA VAL A 214 -8.38 35.90 -12.10
C VAL A 214 -9.64 36.53 -12.66
N LEU A 215 -10.14 37.59 -12.01
CA LEU A 215 -11.37 38.22 -12.46
C LEU A 215 -11.19 38.92 -13.80
N ASP A 216 -10.09 39.65 -13.97
CA ASP A 216 -9.83 40.30 -15.25
C ASP A 216 -9.61 39.26 -16.35
N PHE A 217 -8.90 38.17 -16.02
CA PHE A 217 -8.68 37.09 -16.97
C PHE A 217 -10.01 36.48 -17.43
N LEU A 218 -10.90 36.20 -16.48
CA LEU A 218 -12.20 35.63 -16.83
C LEU A 218 -13.07 36.63 -17.57
N GLU A 219 -12.92 37.93 -17.28
CA GLU A 219 -13.67 38.93 -18.05
C GLU A 219 -13.22 38.95 -19.51
N GLU A 220 -11.90 38.85 -19.74
CA GLU A 220 -11.41 38.74 -21.11
C GLU A 220 -11.92 37.48 -21.79
N VAL A 221 -11.89 36.35 -21.08
CA VAL A 221 -12.38 35.09 -21.65
C VAL A 221 -13.87 35.21 -21.98
N HIS A 222 -14.63 35.88 -21.12
CA HIS A 222 -16.07 36.03 -21.35
C HIS A 222 -16.35 36.94 -22.53
N HIS A 223 -15.59 38.04 -22.66
CA HIS A 223 -15.71 38.89 -23.83
C HIS A 223 -15.43 38.11 -25.11
N LYS A 224 -14.40 37.25 -25.08
CA LYS A 224 -14.07 36.48 -26.27
C LYS A 224 -15.16 35.47 -26.61
N GLN A 225 -15.65 34.74 -25.60
CA GLN A 225 -16.62 33.69 -25.84
C GLN A 225 -17.97 34.26 -26.26
N GLU A 226 -18.37 35.39 -25.68
CA GLU A 226 -19.67 35.97 -26.01
C GLU A 226 -19.70 36.54 -27.42
N SER A 227 -18.55 36.96 -27.94
CA SER A 227 -18.48 37.59 -29.25
C SER A 227 -18.53 36.61 -30.42
N ILE A 228 -18.46 35.31 -30.15
CA ILE A 228 -18.45 34.30 -31.20
C ILE A 228 -19.81 33.60 -31.20
N MET A 229 -20.47 33.59 -32.35
CA MET A 229 -21.78 32.99 -32.48
C MET A 229 -21.65 31.47 -32.67
N ASP A 230 -22.51 30.72 -32.00
CA ASP A 230 -22.51 29.25 -32.04
C ASP A 230 -21.16 28.69 -31.59
N ALA A 231 -20.59 29.29 -30.56
CA ALA A 231 -19.34 28.82 -30.00
C ALA A 231 -19.58 27.67 -29.03
N GLY A 232 -18.75 26.65 -29.11
CA GLY A 232 -18.88 25.48 -28.27
C GLY A 232 -18.45 25.72 -26.84
N PRO A 233 -18.34 24.65 -26.06
CA PRO A 233 -17.96 24.80 -24.65
C PRO A 233 -16.55 25.35 -24.50
N VAL A 234 -16.37 26.17 -23.47
CA VAL A 234 -15.05 26.69 -23.12
C VAL A 234 -14.28 25.58 -22.41
N VAL A 235 -13.15 25.17 -22.98
CA VAL A 235 -12.35 24.11 -22.39
C VAL A 235 -11.49 24.70 -21.29
N VAL A 236 -11.46 24.04 -20.13
CA VAL A 236 -10.65 24.46 -19.00
C VAL A 236 -9.85 23.24 -18.54
N HIS A 237 -8.52 23.34 -18.61
CA HIS A 237 -7.73 22.13 -18.39
C HIS A 237 -6.33 22.46 -17.93
N CYS A 238 -5.74 21.45 -17.26
CA CYS A 238 -4.33 21.30 -16.92
CA CYS A 238 -4.32 21.36 -16.86
C CYS A 238 -4.18 20.33 -15.75
N SER A 239 -3.09 19.54 -15.78
CA SER A 239 -2.81 18.55 -14.74
C SER A 239 -3.97 17.59 -14.53
N ALA A 240 -4.54 17.60 -13.33
CA ALA A 240 -5.66 16.70 -13.02
C ALA A 240 -6.98 17.20 -13.59
N GLY A 241 -7.17 18.52 -13.65
CA GLY A 241 -8.38 19.07 -14.22
C GLY A 241 -9.59 18.99 -13.31
N ILE A 242 -9.43 19.24 -12.01
CA ILE A 242 -10.54 19.27 -11.07
C ILE A 242 -10.32 20.38 -10.05
N GLY A 243 -9.06 20.61 -9.69
CA GLY A 243 -8.73 21.59 -8.67
C GLY A 243 -8.86 23.02 -9.13
N ARG A 244 -7.78 23.57 -9.71
CA ARG A 244 -7.84 24.91 -10.27
C ARG A 244 -8.91 25.01 -11.35
N THR A 245 -9.11 23.93 -12.10
CA THR A 245 -10.16 23.90 -13.11
C THR A 245 -11.54 24.12 -12.48
N GLY A 246 -11.80 23.44 -11.36
CA GLY A 246 -13.07 23.62 -10.68
C GLY A 246 -13.24 25.02 -10.12
N THR A 247 -12.17 25.56 -9.52
CA THR A 247 -12.22 26.93 -9.01
C THR A 247 -12.58 27.90 -10.13
N PHE A 248 -11.89 27.79 -11.27
CA PHE A 248 -12.15 28.68 -12.40
C PHE A 248 -13.59 28.54 -12.89
N ILE A 249 -14.06 27.30 -13.08
CA ILE A 249 -15.40 27.09 -13.62
C ILE A 249 -16.47 27.62 -12.68
N VAL A 250 -16.33 27.33 -11.38
CA VAL A 250 -17.33 27.77 -10.41
C VAL A 250 -17.35 29.30 -10.30
N ILE A 251 -16.16 29.91 -10.27
CA ILE A 251 -16.09 31.37 -10.22
C ILE A 251 -16.76 31.96 -11.46
N ASP A 252 -16.50 31.38 -12.63
CA ASP A 252 -17.12 31.90 -13.86
C ASP A 252 -18.64 31.79 -13.80
N ILE A 253 -19.16 30.65 -13.30
CA ILE A 253 -20.61 30.47 -13.23
C ILE A 253 -21.23 31.51 -12.31
N LEU A 254 -20.66 31.67 -11.11
CA LEU A 254 -21.22 32.62 -10.15
C LEU A 254 -21.11 34.06 -10.65
N ILE A 255 -19.99 34.39 -11.29
CA ILE A 255 -19.81 35.74 -11.82
C ILE A 255 -20.80 36.00 -12.95
N ASP A 256 -21.10 34.99 -13.77
CA ASP A 256 -22.09 35.17 -14.81
CA ASP A 256 -22.09 35.16 -14.81
C ASP A 256 -23.49 35.35 -14.22
N ILE A 257 -23.78 34.65 -13.13
CA ILE A 257 -25.06 34.86 -12.46
C ILE A 257 -25.18 36.31 -11.99
N ILE A 258 -24.13 36.81 -11.32
CA ILE A 258 -24.13 38.19 -10.85
C ILE A 258 -24.24 39.15 -12.03
N ARG A 259 -23.58 38.83 -13.15
CA ARG A 259 -23.63 39.69 -14.33
C ARG A 259 -25.04 39.72 -14.91
N GLU A 260 -25.75 38.60 -14.85
CA GLU A 260 -27.07 38.52 -15.48
C GLU A 260 -28.16 39.11 -14.61
N LYS A 261 -28.06 39.01 -13.29
CA LYS A 261 -29.14 39.46 -12.42
C LYS A 261 -28.75 40.47 -11.35
N GLY A 262 -27.48 40.78 -11.18
CA GLY A 262 -27.07 41.79 -10.21
C GLY A 262 -26.88 41.22 -8.81
N VAL A 263 -26.93 42.13 -7.83
CA VAL A 263 -26.71 41.73 -6.44
C VAL A 263 -27.92 41.01 -5.86
N ASP A 264 -29.11 41.21 -6.42
CA ASP A 264 -30.32 40.54 -5.92
C ASP A 264 -30.40 39.15 -6.57
N CYS A 265 -29.57 38.25 -6.06
CA CYS A 265 -29.56 36.86 -6.50
C CYS A 265 -28.91 36.02 -5.41
N ASP A 266 -29.12 34.71 -5.50
CA ASP A 266 -28.55 33.78 -4.53
C ASP A 266 -27.23 33.24 -5.05
N ILE A 267 -26.18 33.40 -4.26
CA ILE A 267 -24.86 32.86 -4.57
C ILE A 267 -24.62 31.74 -3.55
N ASP A 268 -24.88 30.51 -3.96
CA ASP A 268 -24.71 29.33 -3.11
C ASP A 268 -23.48 28.58 -3.62
N VAL A 269 -22.35 28.79 -2.96
CA VAL A 269 -21.08 28.17 -3.36
C VAL A 269 -21.11 26.66 -3.13
N PRO A 270 -21.53 26.16 -1.96
CA PRO A 270 -21.60 24.69 -1.79
C PRO A 270 -22.56 24.02 -2.76
N LYS A 271 -23.71 24.65 -3.03
CA LYS A 271 -24.65 24.07 -3.98
C LYS A 271 -24.07 24.04 -5.39
N THR A 272 -23.38 25.11 -5.80
CA THR A 272 -22.75 25.11 -7.11
C THR A 272 -21.66 24.06 -7.21
N ILE A 273 -20.88 23.89 -6.13
CA ILE A 273 -19.84 22.87 -6.12
C ILE A 273 -20.45 21.48 -6.21
N GLN A 274 -21.56 21.24 -5.49
CA GLN A 274 -22.26 19.96 -5.61
C GLN A 274 -22.77 19.74 -7.02
N MET A 275 -23.33 20.78 -7.64
CA MET A 275 -23.90 20.64 -8.98
C MET A 275 -22.83 20.33 -10.01
N VAL A 276 -21.67 20.99 -9.91
CA VAL A 276 -20.61 20.71 -10.87
C VAL A 276 -19.93 19.37 -10.56
N ARG A 277 -20.00 18.92 -9.30
CA ARG A 277 -19.41 17.63 -8.95
C ARG A 277 -20.25 16.47 -9.44
N SER A 278 -21.53 16.67 -9.72
CA SER A 278 -22.36 15.63 -10.29
C SER A 278 -22.03 15.36 -11.76
N GLN A 279 -21.16 16.17 -12.36
CA GLN A 279 -20.73 15.97 -13.74
C GLN A 279 -19.23 15.72 -13.87
N ARG A 280 -18.43 16.05 -12.85
CA ARG A 280 -17.03 15.68 -12.80
C ARG A 280 -16.63 15.60 -11.35
N SER A 281 -16.01 14.48 -10.96
CA SER A 281 -15.75 14.22 -9.55
C SER A 281 -14.66 15.13 -8.99
N GLY A 282 -14.94 15.75 -7.85
CA GLY A 282 -13.92 16.44 -7.08
C GLY A 282 -13.57 17.83 -7.54
N MET A 283 -14.48 18.53 -8.21
CA MET A 283 -14.21 19.90 -8.62
C MET A 283 -13.99 20.77 -7.39
N VAL A 284 -12.91 21.57 -7.41
CA VAL A 284 -12.42 22.34 -6.27
C VAL A 284 -11.97 21.38 -5.18
N GLN A 285 -10.67 21.38 -4.87
CA GLN A 285 -10.07 20.35 -4.04
C GLN A 285 -9.55 20.81 -2.69
N THR A 286 -9.06 22.04 -2.58
CA THR A 286 -8.45 22.51 -1.34
C THR A 286 -9.32 23.58 -0.69
N GLU A 287 -9.09 23.77 0.62
CA GLU A 287 -9.80 24.80 1.35
C GLU A 287 -9.43 26.20 0.87
N ALA A 288 -8.17 26.39 0.45
CA ALA A 288 -7.75 27.69 -0.05
C ALA A 288 -8.53 28.08 -1.31
N GLN A 289 -8.74 27.12 -2.21
CA GLN A 289 -9.54 27.40 -3.41
C GLN A 289 -11.00 27.66 -3.06
N TYR A 290 -11.52 26.93 -2.06
CA TYR A 290 -12.88 27.16 -1.60
C TYR A 290 -13.05 28.59 -1.09
N ARG A 291 -12.10 29.07 -0.30
CA ARG A 291 -12.15 30.46 0.17
C ARG A 291 -11.89 31.45 -0.95
N PHE A 292 -11.05 31.07 -1.93
CA PHE A 292 -10.77 31.95 -3.04
C PHE A 292 -12.00 32.20 -3.90
N ILE A 293 -12.88 31.20 -4.02
CA ILE A 293 -14.12 31.40 -4.75
C ILE A 293 -14.95 32.51 -4.10
N TYR A 294 -15.13 32.43 -2.78
CA TYR A 294 -15.85 33.47 -2.04
C TYR A 294 -15.19 34.83 -2.22
N MET A 295 -13.86 34.87 -2.08
CA MET A 295 -13.15 36.14 -2.19
C MET A 295 -13.31 36.76 -3.57
N ALA A 296 -13.22 35.95 -4.62
CA ALA A 296 -13.37 36.47 -5.97
C ALA A 296 -14.79 36.94 -6.23
N VAL A 297 -15.79 36.19 -5.76
CA VAL A 297 -17.17 36.59 -5.97
C VAL A 297 -17.45 37.93 -5.28
N GLN A 298 -16.95 38.09 -4.04
CA GLN A 298 -17.19 39.33 -3.34
C GLN A 298 -16.40 40.49 -3.93
N HIS A 299 -15.20 40.21 -4.46
CA HIS A 299 -14.45 41.25 -5.17
C HIS A 299 -15.20 41.71 -6.40
N TYR A 300 -15.82 40.78 -7.12
CA TYR A 300 -16.62 41.15 -8.29
C TYR A 300 -17.85 41.95 -7.89
N ILE A 301 -18.50 41.57 -6.79
CA ILE A 301 -19.70 42.29 -6.34
C ILE A 301 -19.34 43.72 -5.95
N GLU A 302 -18.28 43.89 -5.16
CA GLU A 302 -17.87 45.22 -4.75
C GLU A 302 -17.36 46.07 -5.90
N THR A 303 -16.97 45.44 -7.01
CA THR A 303 -16.50 46.20 -8.18
C THR A 303 -17.66 46.76 -8.99
N LEU A 304 -18.80 46.07 -8.99
CA LEU A 304 -19.98 46.56 -9.70
C LEU A 304 -20.60 47.75 -8.97
N GLY B 1 -14.80 -3.00 -10.16
CA GLY B 1 -14.29 -1.87 -9.42
C GLY B 1 -13.07 -2.21 -8.57
N SER B 2 -12.16 -1.24 -8.44
CA SER B 2 -10.95 -1.40 -7.66
C SER B 2 -10.89 -0.35 -6.56
N VAL B 3 -10.18 -0.67 -5.48
CA VAL B 3 -10.08 0.18 -4.31
C VAL B 3 -8.67 0.08 -3.75
N SER B 4 -8.07 1.24 -3.43
CA SER B 4 -6.68 1.31 -3.02
C SER B 4 -6.56 1.98 -1.66
N SER B 5 -5.55 1.53 -0.90
CA SER B 5 -5.23 2.13 0.40
C SER B 5 -4.22 3.25 0.20
N VAL B 6 -4.57 4.46 0.63
CA VAL B 6 -3.72 5.64 0.50
C VAL B 6 -3.66 6.34 1.85
N PRO B 7 -2.49 6.42 2.50
CA PRO B 7 -1.24 5.81 2.06
C PRO B 7 -1.16 4.33 2.42
N THR B 8 -0.05 3.68 2.09
CA THR B 8 0.13 2.26 2.39
C THR B 8 0.95 2.00 3.63
N LYS B 9 1.83 2.93 4.02
CA LYS B 9 2.67 2.77 5.20
C LYS B 9 2.68 4.07 5.98
N LEU B 10 2.95 3.97 7.28
CA LEU B 10 3.04 5.12 8.17
C LEU B 10 4.11 4.81 9.20
N GLU B 11 5.21 5.54 9.16
CA GLU B 11 6.41 5.21 9.93
C GLU B 11 6.89 6.43 10.71
N VAL B 12 7.33 6.19 11.94
CA VAL B 12 7.97 7.19 12.78
C VAL B 12 9.48 6.98 12.62
N VAL B 13 10.11 7.83 11.82
CA VAL B 13 11.52 7.64 11.46
C VAL B 13 12.45 8.28 12.49
N ALA B 14 12.11 9.44 13.03
CA ALA B 14 12.96 10.13 13.99
C ALA B 14 12.11 10.80 15.05
N ALA B 15 12.71 11.07 16.21
CA ALA B 15 11.93 11.58 17.32
C ALA B 15 12.83 12.30 18.32
N THR B 16 12.31 13.40 18.86
CA THR B 16 12.72 14.05 20.09
C THR B 16 11.61 13.86 21.13
N PRO B 17 11.86 14.15 22.41
CA PRO B 17 10.81 13.95 23.42
C PRO B 17 9.62 14.90 23.26
N THR B 18 9.69 15.90 22.39
CA THR B 18 8.56 16.78 22.11
C THR B 18 8.17 16.85 20.64
N SER B 19 9.04 16.41 19.73
CA SER B 19 8.76 16.40 18.30
C SER B 19 8.65 14.96 17.80
N LEU B 20 8.17 14.82 16.57
CA LEU B 20 8.03 13.51 15.94
C LEU B 20 8.09 13.70 14.43
N LEU B 21 9.02 12.98 13.78
CA LEU B 21 9.18 13.02 12.32
C LEU B 21 8.44 11.81 11.76
N ILE B 22 7.27 12.05 11.20
CA ILE B 22 6.44 10.99 10.63
C ILE B 22 6.65 10.95 9.12
N SER B 23 6.45 9.78 8.54
CA SER B 23 6.62 9.58 7.11
C SER B 23 5.62 8.53 6.63
N TRP B 24 5.26 8.63 5.35
CA TRP B 24 4.36 7.67 4.74
C TRP B 24 4.77 7.48 3.28
N ASP B 25 4.36 6.34 2.72
CA ASP B 25 4.56 6.10 1.31
C ASP B 25 3.48 6.79 0.49
N ALA B 26 3.71 6.89 -0.82
CA ALA B 26 2.77 7.52 -1.73
C ALA B 26 2.48 6.56 -2.86
N VAL B 27 1.19 6.35 -3.14
CA VAL B 27 0.79 5.48 -4.25
C VAL B 27 1.10 6.19 -5.56
N ASP B 28 1.90 5.55 -6.40
CA ASP B 28 2.21 6.13 -7.70
C ASP B 28 0.94 6.22 -8.55
N GLU B 29 0.88 7.28 -9.34
CA GLU B 29 -0.23 7.54 -10.26
C GLU B 29 -1.55 7.79 -9.55
N TRP B 30 -1.52 8.03 -8.24
CA TRP B 30 -2.73 8.30 -7.46
C TRP B 30 -2.74 9.77 -7.07
N TYR B 31 -3.82 10.46 -7.42
CA TYR B 31 -3.95 11.88 -7.14
C TYR B 31 -4.32 12.10 -5.68
N VAL B 32 -3.56 12.95 -5.00
CA VAL B 32 -3.83 13.34 -3.62
C VAL B 32 -3.70 14.86 -3.55
N SER B 33 -4.83 15.55 -3.41
CA SER B 33 -4.79 17.00 -3.32
C SER B 33 -4.11 17.45 -2.03
N TYR B 34 -4.38 16.78 -0.92
CA TYR B 34 -3.72 17.08 0.33
C TYR B 34 -3.90 15.91 1.29
N TYR B 35 -3.14 15.96 2.38
CA TYR B 35 -3.23 15.01 3.48
C TYR B 35 -3.68 15.74 4.73
N ARG B 36 -4.46 15.04 5.55
CA ARG B 36 -4.87 15.55 6.85
C ARG B 36 -4.25 14.66 7.93
N ILE B 37 -3.41 15.26 8.76
CA ILE B 37 -2.78 14.57 9.88
C ILE B 37 -3.52 14.92 11.15
N THR B 38 -4.00 13.89 11.85
CA THR B 38 -4.62 14.05 13.16
C THR B 38 -3.77 13.33 14.19
N TYR B 39 -3.50 14.00 15.31
CA TYR B 39 -2.74 13.39 16.39
C TYR B 39 -3.41 13.68 17.72
N GLY B 40 -3.34 12.71 18.61
CA GLY B 40 -3.93 12.85 19.93
C GLY B 40 -3.30 11.89 20.90
N GLU B 41 -3.79 11.93 22.14
CA GLU B 41 -3.35 11.03 23.20
C GLU B 41 -4.17 9.76 23.15
N THR B 42 -3.49 8.61 23.13
CA THR B 42 -4.14 7.32 23.03
C THR B 42 -5.13 7.08 24.16
N VAL B 48 -9.12 15.68 19.05
CA VAL B 48 -7.70 15.60 18.73
C VAL B 48 -7.24 16.86 18.04
N GLN B 49 -5.95 16.94 17.72
CA GLN B 49 -5.39 18.06 17.00
C GLN B 49 -5.18 17.69 15.54
N GLU B 50 -5.41 18.65 14.65
CA GLU B 50 -5.39 18.39 13.22
C GLU B 50 -4.56 19.44 12.49
N PHE B 51 -3.96 19.03 11.38
CA PHE B 51 -3.40 19.98 10.43
C PHE B 51 -3.39 19.32 9.05
N THR B 52 -3.12 20.11 8.03
CA THR B 52 -3.10 19.60 6.67
C THR B 52 -1.74 19.88 6.04
N VAL B 53 -1.49 19.22 4.92
CA VAL B 53 -0.19 19.18 4.29
C VAL B 53 -0.37 18.90 2.81
N PRO B 54 0.40 19.53 1.94
CA PRO B 54 0.22 19.33 0.51
C PRO B 54 0.42 17.88 0.09
N GLY B 55 -0.20 17.52 -1.03
CA GLY B 55 -0.07 16.19 -1.58
C GLY B 55 1.32 15.85 -2.09
N TYR B 56 2.14 16.87 -2.37
CA TYR B 56 3.50 16.62 -2.84
C TYR B 56 4.34 15.89 -1.80
N SER B 57 4.12 16.21 -0.52
CA SER B 57 4.97 15.77 0.58
C SER B 57 4.72 14.32 0.94
N SER B 58 5.76 13.69 1.48
CA SER B 58 5.65 12.37 2.06
C SER B 58 6.19 12.31 3.49
N THR B 59 6.50 13.47 4.09
CA THR B 59 7.04 13.54 5.44
C THR B 59 6.38 14.70 6.16
N ALA B 60 6.40 14.64 7.49
CA ALA B 60 5.80 15.70 8.30
C ALA B 60 6.47 15.70 9.67
N THR B 61 6.34 16.83 10.36
CA THR B 61 6.89 17.01 11.70
C THR B 61 5.79 17.51 12.62
N ILE B 62 5.67 16.91 13.79
CA ILE B 62 4.68 17.29 14.79
C ILE B 62 5.40 17.72 16.06
N SER B 63 5.12 18.92 16.53
CA SER B 63 5.73 19.48 17.74
C SER B 63 4.65 19.77 18.78
N GLY B 64 5.09 20.12 19.97
CA GLY B 64 4.18 20.38 21.07
C GLY B 64 3.54 19.13 21.62
N LEU B 65 4.35 18.26 22.23
CA LEU B 65 3.87 16.99 22.76
C LEU B 65 4.46 16.77 24.14
N SER B 66 3.67 16.15 25.02
CA SER B 66 4.12 15.86 26.38
C SER B 66 4.80 14.50 26.45
N TYR B 71 0.47 8.08 21.90
CA TYR B 71 -0.06 9.06 20.97
C TYR B 71 -0.49 8.40 19.66
N THR B 72 -1.74 8.63 19.28
CA THR B 72 -2.30 8.10 18.04
C THR B 72 -2.19 9.13 16.92
N ILE B 73 -1.61 8.72 15.80
CA ILE B 73 -1.47 9.55 14.61
C ILE B 73 -2.20 8.87 13.47
N THR B 74 -3.00 9.64 12.73
CA THR B 74 -3.85 9.12 11.66
C THR B 74 -3.72 10.02 10.43
N VAL B 75 -3.59 9.39 9.27
CA VAL B 75 -3.35 10.09 8.01
C VAL B 75 -4.53 9.87 7.08
N TYR B 76 -5.16 10.96 6.65
CA TYR B 76 -6.22 10.93 5.65
C TYR B 76 -5.69 11.51 4.35
N ALA B 77 -6.14 10.96 3.23
CA ALA B 77 -5.74 11.43 1.91
C ALA B 77 -6.97 11.90 1.15
N TYR B 78 -6.89 13.10 0.54
CA TYR B 78 -8.03 13.57 -0.23
C TYR B 78 -7.68 13.65 -1.72
N PRO B 79 -8.62 13.33 -2.63
CA PRO B 79 -10.03 12.93 -2.41
C PRO B 79 -10.19 11.59 -1.70
N LEU B 80 -11.40 11.32 -1.23
CA LEU B 80 -11.64 10.19 -0.33
C LEU B 80 -12.21 8.96 -1.02
N TRP B 81 -12.70 9.07 -2.25
CA TRP B 81 -13.37 7.95 -2.89
C TRP B 81 -12.36 6.86 -3.27
N SER B 82 -12.89 5.66 -3.50
CA SER B 82 -12.10 4.50 -3.96
C SER B 82 -10.97 4.16 -3.01
N GLN B 83 -11.20 4.34 -1.71
CA GLN B 83 -10.20 4.02 -0.69
C GLN B 83 -10.71 2.87 0.18
N GLY B 84 -9.76 2.27 0.92
CA GLY B 84 -10.02 0.99 1.58
C GLY B 84 -11.21 1.00 2.50
N GLY B 85 -11.61 2.18 2.97
CA GLY B 85 -12.73 2.34 3.87
C GLY B 85 -12.38 2.95 5.21
N SER B 86 -11.10 3.12 5.52
CA SER B 86 -10.65 3.74 6.76
C SER B 86 -9.18 4.13 6.60
N PRO B 87 -8.73 5.18 7.29
CA PRO B 87 -7.36 5.67 7.08
C PRO B 87 -6.34 4.83 7.84
N ILE B 88 -5.07 5.14 7.57
CA ILE B 88 -3.95 4.49 8.23
C ILE B 88 -3.64 5.24 9.52
N SER B 89 -3.21 4.48 10.54
CA SER B 89 -3.00 5.03 11.87
C SER B 89 -1.89 4.25 12.56
N ILE B 90 -1.28 4.88 13.56
CA ILE B 90 -0.19 4.30 14.33
C ILE B 90 -0.22 4.88 15.74
N ASN B 91 0.40 4.18 16.67
CA ASN B 91 0.56 4.62 18.05
C ASN B 91 2.04 4.78 18.37
N TYR B 92 2.36 5.82 19.14
CA TYR B 92 3.74 6.05 19.56
C TYR B 92 3.80 6.63 20.97
N GLU C 29 -11.79 -21.23 18.27
CA GLU C 29 -10.84 -21.00 19.36
C GLU C 29 -9.52 -20.45 18.83
N PHE C 30 -9.07 -20.99 17.70
CA PHE C 30 -7.86 -20.48 17.07
C PHE C 30 -8.01 -19.03 16.64
N GLU C 31 -9.18 -18.68 16.10
CA GLU C 31 -9.46 -17.30 15.72
C GLU C 31 -9.35 -16.36 16.91
N THR C 32 -9.71 -16.83 18.11
CA THR C 32 -9.59 -15.99 19.30
C THR C 32 -8.13 -15.65 19.57
N LEU C 33 -7.23 -16.64 19.46
CA LEU C 33 -5.81 -16.35 19.63
C LEU C 33 -5.31 -15.40 18.55
N GLN C 34 -5.71 -15.64 17.30
CA GLN C 34 -5.27 -14.77 16.22
C GLN C 34 -5.71 -13.33 16.43
N GLN C 35 -6.95 -13.13 16.90
CA GLN C 35 -7.41 -11.79 17.23
C GLN C 35 -6.69 -11.23 18.45
N GLN C 36 -6.29 -12.11 19.37
CA GLN C 36 -5.52 -11.65 20.54
C GLN C 36 -4.14 -11.14 20.13
N GLU C 37 -3.60 -11.63 19.02
CA GLU C 37 -2.31 -11.16 18.55
C GLU C 37 -2.40 -10.05 17.50
N CYS C 38 -3.55 -9.37 17.40
CA CYS C 38 -3.66 -8.27 16.47
C CYS C 38 -2.89 -7.04 16.92
N LYS C 39 -2.51 -6.97 18.20
CA LYS C 39 -1.56 -5.99 18.71
C LYS C 39 -0.70 -6.67 19.75
N LEU C 40 0.61 -6.47 19.65
CA LEU C 40 1.56 -7.20 20.48
C LEU C 40 1.87 -6.42 21.75
N LEU C 41 2.04 -7.17 22.85
CA LEU C 41 2.21 -6.58 24.17
C LEU C 41 3.67 -6.34 24.55
N TYR C 42 4.61 -6.64 23.66
CA TYR C 42 6.03 -6.45 23.96
C TYR C 42 6.71 -5.78 22.77
N SER C 43 7.73 -4.99 23.09
CA SER C 43 8.39 -4.18 22.06
C SER C 43 9.28 -5.05 21.17
N ARG C 44 9.45 -4.60 19.93
CA ARG C 44 10.33 -5.22 18.95
C ARG C 44 11.22 -4.17 18.30
N LYS C 45 11.82 -3.32 19.14
CA LYS C 45 12.52 -2.14 18.64
C LYS C 45 13.87 -2.50 18.03
N GLU C 46 14.60 -3.45 18.62
CA GLU C 46 15.92 -3.80 18.11
C GLU C 46 15.83 -4.34 16.68
N GLY C 47 14.78 -5.09 16.37
CA GLY C 47 14.59 -5.58 15.02
C GLY C 47 14.14 -4.52 14.03
N GLN C 48 13.66 -3.38 14.52
CA GLN C 48 13.21 -2.29 13.67
C GLN C 48 14.28 -1.25 13.39
N ARG C 49 15.48 -1.42 13.96
CA ARG C 49 16.57 -0.48 13.70
C ARG C 49 16.99 -0.55 12.25
N GLN C 50 17.49 0.57 11.73
CA GLN C 50 17.94 0.62 10.34
C GLN C 50 19.08 -0.36 10.10
N GLU C 51 20.06 -0.37 11.01
CA GLU C 51 21.22 -1.24 10.87
C GLU C 51 20.87 -2.73 10.92
N ASN C 52 19.62 -3.07 11.21
CA ASN C 52 19.16 -4.45 11.19
C ASN C 52 18.14 -4.73 10.10
N LYS C 53 17.82 -3.73 9.27
CA LYS C 53 16.75 -3.89 8.29
C LYS C 53 17.03 -5.01 7.30
N ASN C 54 18.29 -5.26 6.98
CA ASN C 54 18.66 -6.32 6.05
C ASN C 54 18.92 -7.65 6.74
N LYS C 55 18.56 -7.78 8.02
CA LYS C 55 18.75 -9.02 8.75
C LYS C 55 17.45 -9.77 9.00
N ASN C 56 16.34 -9.27 8.49
CA ASN C 56 15.03 -9.90 8.70
C ASN C 56 14.50 -10.41 7.37
N ARG C 57 14.07 -11.68 7.36
CA ARG C 57 13.41 -12.24 6.18
C ARG C 57 12.17 -11.44 5.83
N TYR C 58 11.34 -11.16 6.83
CA TYR C 58 10.12 -10.39 6.66
C TYR C 58 10.17 -9.17 7.57
N LYS C 59 9.49 -8.11 7.15
CA LYS C 59 9.49 -6.87 7.91
C LYS C 59 8.52 -6.88 9.08
N ASN C 60 7.58 -7.82 9.11
CA ASN C 60 6.58 -7.90 10.17
C ASN C 60 6.79 -9.09 11.10
N ILE C 61 7.81 -9.90 10.88
CA ILE C 61 8.15 -11.00 11.78
C ILE C 61 9.43 -10.66 12.50
N LEU C 62 9.32 -10.09 13.70
CA LEU C 62 10.45 -9.57 14.43
C LEU C 62 10.52 -10.18 15.83
N PRO C 63 11.72 -10.38 16.37
CA PRO C 63 11.85 -10.96 17.70
C PRO C 63 11.53 -9.95 18.80
N PHE C 64 10.94 -10.44 19.88
CA PHE C 64 10.70 -9.61 21.04
C PHE C 64 12.03 -9.19 21.67
N ASP C 65 12.07 -7.96 22.20
CA ASP C 65 13.32 -7.45 22.75
C ASP C 65 13.73 -8.23 24.00
N HIS C 66 12.77 -8.61 24.84
CA HIS C 66 13.08 -9.23 26.12
C HIS C 66 13.34 -10.73 26.03
N THR C 67 13.10 -11.35 24.87
CA THR C 67 13.43 -12.75 24.67
C THR C 67 14.36 -12.98 23.49
N ARG C 68 14.84 -11.93 22.83
CA ARG C 68 15.71 -12.10 21.68
C ARG C 68 17.07 -12.63 22.13
N VAL C 69 17.75 -13.31 21.20
CA VAL C 69 19.10 -13.79 21.44
C VAL C 69 20.06 -12.64 21.13
N VAL C 70 20.83 -12.23 22.14
CA VAL C 70 21.80 -11.16 22.01
C VAL C 70 23.15 -11.78 21.70
N LEU C 71 23.69 -11.46 20.53
CA LEU C 71 24.96 -12.02 20.08
C LEU C 71 26.11 -11.15 20.55
N HIS C 72 27.15 -11.79 21.09
CA HIS C 72 28.37 -11.10 21.47
C HIS C 72 29.51 -11.53 20.55
N ASP C 73 30.64 -10.83 20.68
CA ASP C 73 31.83 -11.11 19.88
C ASP C 73 31.55 -10.97 18.38
N GLY C 74 30.88 -9.89 18.01
CA GLY C 74 30.59 -9.62 16.61
C GLY C 74 31.75 -8.94 15.92
N ASP C 75 31.54 -8.65 14.64
CA ASP C 75 32.52 -7.92 13.86
C ASP C 75 32.44 -6.45 14.25
N PRO C 76 33.51 -5.86 14.81
CA PRO C 76 33.44 -4.44 15.22
C PRO C 76 33.23 -3.48 14.06
N ASN C 77 33.50 -3.91 12.82
CA ASN C 77 33.26 -3.05 11.67
C ASN C 77 31.77 -2.84 11.40
N GLU C 78 30.91 -3.75 11.86
CA GLU C 78 29.48 -3.56 11.67
C GLU C 78 28.93 -2.63 12.76
N PRO C 79 28.05 -1.70 12.39
CA PRO C 79 27.46 -0.82 13.42
C PRO C 79 26.70 -1.58 14.49
N VAL C 80 25.98 -2.63 14.11
CA VAL C 80 25.29 -3.51 15.04
C VAL C 80 25.63 -4.94 14.69
N SER C 81 26.12 -5.70 15.67
CA SER C 81 26.48 -7.10 15.47
C SER C 81 25.89 -8.00 16.55
N ASP C 82 24.92 -7.52 17.32
CA ASP C 82 24.34 -8.30 18.41
C ASP C 82 22.95 -8.82 18.10
N TYR C 83 22.47 -8.62 16.88
CA TYR C 83 21.09 -8.91 16.54
C TYR C 83 20.98 -10.16 15.66
N ILE C 84 20.00 -11.00 15.98
CA ILE C 84 19.57 -12.08 15.10
C ILE C 84 18.08 -12.28 15.34
N ASN C 85 17.33 -12.54 14.26
CA ASN C 85 15.89 -12.78 14.37
C ASN C 85 15.70 -14.14 15.03
N ALA C 86 15.87 -14.17 16.35
CA ALA C 86 15.80 -15.39 17.13
C ALA C 86 15.27 -15.07 18.51
N ASN C 87 14.51 -16.01 19.07
CA ASN C 87 13.95 -15.86 20.41
C ASN C 87 14.18 -17.12 21.22
N ILE C 88 14.35 -16.94 22.52
CA ILE C 88 14.44 -18.06 23.46
C ILE C 88 13.03 -18.44 23.89
N ILE C 89 12.69 -19.72 23.72
CA ILE C 89 11.37 -20.23 24.07
C ILE C 89 11.53 -21.14 25.28
N MET C 90 10.81 -20.82 26.36
CA MET C 90 10.89 -21.57 27.60
C MET C 90 9.54 -22.15 27.98
N PRO C 91 9.49 -23.40 28.45
CA PRO C 91 8.22 -23.98 28.88
C PRO C 91 7.86 -23.56 30.30
N GLU C 92 6.65 -23.94 30.70
CA GLU C 92 6.05 -23.52 31.97
C GLU C 92 6.57 -24.38 33.13
N PHE C 93 7.75 -24.97 32.95
CA PHE C 93 8.33 -25.81 33.99
C PHE C 93 8.64 -24.99 35.24
N LYS C 101 15.59 -24.59 32.58
CA LYS C 101 16.86 -25.14 32.12
C LYS C 101 16.99 -25.04 30.60
N PRO C 102 18.17 -24.62 30.14
CA PRO C 102 18.37 -24.51 28.68
C PRO C 102 18.19 -25.81 27.93
N LYS C 103 18.41 -26.96 28.59
CA LYS C 103 18.27 -28.24 27.91
C LYS C 103 16.84 -28.47 27.45
N LYS C 104 15.86 -28.07 28.25
CA LYS C 104 14.45 -28.23 27.92
C LYS C 104 13.84 -26.99 27.28
N SER C 105 14.67 -26.03 26.88
CA SER C 105 14.22 -24.83 26.19
C SER C 105 14.61 -24.90 24.72
N TYR C 106 14.14 -23.92 23.95
CA TYR C 106 14.35 -23.90 22.52
C TYR C 106 14.78 -22.51 22.07
N ILE C 107 15.29 -22.44 20.84
CA ILE C 107 15.55 -21.20 20.15
C ILE C 107 14.79 -21.24 18.83
N ALA C 108 13.83 -20.33 18.67
CA ALA C 108 13.03 -20.24 17.46
C ALA C 108 13.54 -19.05 16.64
N THR C 109 14.07 -19.32 15.45
CA THR C 109 14.63 -18.30 14.59
C THR C 109 14.18 -18.51 13.16
N GLN C 110 14.42 -17.50 12.33
CA GLN C 110 14.06 -17.56 10.93
C GLN C 110 15.05 -18.44 10.16
N GLY C 111 14.73 -18.69 8.90
CA GLY C 111 15.71 -19.29 8.00
C GLY C 111 16.85 -18.32 7.72
N CYS C 112 18.03 -18.88 7.50
CA CYS C 112 19.21 -18.05 7.29
C CYS C 112 19.07 -17.23 6.03
N LEU C 113 19.52 -15.98 6.10
CA LEU C 113 19.79 -15.19 4.90
C LEU C 113 21.24 -15.39 4.50
N GLN C 114 21.57 -14.97 3.28
CA GLN C 114 22.95 -15.10 2.82
C GLN C 114 23.91 -14.28 3.68
N ASN C 115 23.42 -13.21 4.29
CA ASN C 115 24.23 -12.31 5.10
C ASN C 115 24.12 -12.59 6.59
N THR C 116 23.31 -13.56 7.00
CA THR C 116 23.12 -13.85 8.43
C THR C 116 23.60 -15.24 8.81
N VAL C 117 24.33 -15.93 7.93
CA VAL C 117 24.78 -17.29 8.25
C VAL C 117 25.84 -17.25 9.35
N ASN C 118 26.79 -16.33 9.25
CA ASN C 118 27.79 -16.18 10.30
C ASN C 118 27.15 -15.88 11.64
N ASP C 119 26.13 -15.01 11.65
CA ASP C 119 25.42 -14.71 12.89
C ASP C 119 24.70 -15.95 13.43
N PHE C 120 24.14 -16.76 12.53
CA PHE C 120 23.48 -17.99 12.95
C PHE C 120 24.45 -18.93 13.64
N TRP C 121 25.65 -19.11 13.06
CA TRP C 121 26.61 -19.99 13.68
C TRP C 121 27.17 -19.40 14.97
N ARG C 122 27.33 -18.08 15.03
CA ARG C 122 27.72 -17.44 16.28
C ARG C 122 26.69 -17.69 17.37
N MET C 123 25.41 -17.67 17.02
CA MET C 123 24.35 -17.97 17.98
C MET C 123 24.42 -19.41 18.43
N VAL C 124 24.58 -20.35 17.49
CA VAL C 124 24.65 -21.76 17.84
C VAL C 124 25.82 -22.03 18.76
N PHE C 125 26.95 -21.35 18.54
CA PHE C 125 28.11 -21.55 19.40
C PHE C 125 27.90 -20.92 20.78
N GLN C 126 27.48 -19.66 20.82
CA GLN C 126 27.42 -18.92 22.07
C GLN C 126 26.34 -19.45 23.01
N GLU C 127 25.34 -20.16 22.49
CA GLU C 127 24.29 -20.75 23.32
C GLU C 127 24.54 -22.23 23.60
N ASN C 128 25.65 -22.79 23.10
CA ASN C 128 26.00 -24.20 23.32
C ASN C 128 24.89 -25.13 22.87
N SER C 129 24.21 -24.76 21.79
CA SER C 129 23.18 -25.62 21.21
C SER C 129 23.83 -26.84 20.55
N ARG C 130 23.19 -27.99 20.71
CA ARG C 130 23.69 -29.24 20.17
C ARG C 130 22.75 -29.92 19.19
N VAL C 131 21.53 -29.42 19.03
CA VAL C 131 20.54 -30.04 18.14
C VAL C 131 19.87 -28.94 17.33
N ILE C 132 19.74 -29.16 16.02
CA ILE C 132 19.08 -28.23 15.11
C ILE C 132 17.93 -28.96 14.43
N VAL C 133 16.78 -28.30 14.34
CA VAL C 133 15.62 -28.82 13.65
C VAL C 133 15.32 -27.90 12.48
N MET C 134 15.52 -28.39 11.25
CA MET C 134 15.12 -27.68 10.05
C MET C 134 13.73 -28.14 9.65
N THR C 135 12.81 -27.19 9.50
CA THR C 135 11.40 -27.51 9.28
C THR C 135 10.98 -27.43 7.82
N THR C 136 11.81 -26.89 6.94
CA THR C 136 11.49 -26.78 5.52
C THR C 136 12.67 -27.28 4.69
N LYS C 137 12.43 -27.40 3.39
CA LYS C 137 13.51 -27.65 2.45
C LYS C 137 14.23 -26.36 2.11
N GLU C 138 15.35 -26.49 1.39
CA GLU C 138 16.02 -25.31 0.87
C GLU C 138 15.10 -24.54 -0.07
N VAL C 139 14.50 -25.23 -1.03
CA VAL C 139 13.55 -24.64 -1.97
C VAL C 139 12.26 -25.43 -1.89
N GLU C 140 11.13 -24.72 -1.90
CA GLU C 140 9.81 -25.35 -1.92
C GLU C 140 8.94 -24.57 -2.88
N ARG C 141 8.53 -25.22 -3.98
CA ARG C 141 7.72 -24.59 -5.02
C ARG C 141 8.41 -23.35 -5.59
N GLY C 142 9.73 -23.42 -5.74
CA GLY C 142 10.51 -22.35 -6.30
C GLY C 142 10.98 -21.30 -5.33
N LYS C 143 10.38 -21.24 -4.13
CA LYS C 143 10.73 -20.21 -3.15
C LYS C 143 11.82 -20.73 -2.22
N SER C 144 12.82 -19.88 -1.99
CA SER C 144 13.91 -20.21 -1.08
C SER C 144 13.42 -20.04 0.36
N LYS C 145 13.36 -21.15 1.10
CA LYS C 145 12.86 -21.13 2.47
C LYS C 145 13.95 -21.25 3.52
N CYS C 146 15.09 -21.85 3.18
CA CYS C 146 16.20 -21.97 4.13
CA CYS C 146 16.20 -21.96 4.13
C CYS C 146 17.50 -21.99 3.33
N VAL C 147 18.28 -20.92 3.44
CA VAL C 147 19.56 -20.86 2.74
C VAL C 147 20.51 -21.88 3.35
N LYS C 148 21.20 -22.63 2.50
CA LYS C 148 22.14 -23.64 2.96
C LYS C 148 23.26 -22.99 3.77
N TYR C 149 23.41 -23.44 5.02
CA TYR C 149 24.40 -22.86 5.93
C TYR C 149 25.40 -23.89 6.42
N TRP C 150 25.38 -25.10 5.87
CA TRP C 150 26.25 -26.18 6.29
C TRP C 150 27.07 -26.70 5.10
N PRO C 151 28.25 -27.26 5.35
CA PRO C 151 29.01 -27.88 4.26
C PRO C 151 28.52 -29.29 3.98
N ASP C 152 28.87 -29.76 2.79
CA ASP C 152 28.48 -31.10 2.38
C ASP C 152 29.23 -32.15 3.19
N GLU C 153 28.85 -33.41 3.00
CA GLU C 153 29.43 -34.50 3.77
C GLU C 153 30.93 -34.59 3.54
N TYR C 154 31.67 -34.82 4.62
CA TYR C 154 33.12 -34.94 4.68
C TYR C 154 33.84 -33.63 4.39
N ALA C 155 33.12 -32.53 4.20
CA ALA C 155 33.71 -31.23 3.92
C ALA C 155 33.64 -30.33 5.15
N LEU C 156 34.47 -29.29 5.15
CA LEU C 156 34.48 -28.32 6.23
C LEU C 156 34.57 -26.92 5.64
N LYS C 157 33.94 -25.96 6.32
CA LYS C 157 33.95 -24.57 5.88
C LYS C 157 33.94 -23.67 7.10
N GLU C 158 34.44 -22.46 6.92
CA GLU C 158 34.49 -21.47 7.98
C GLU C 158 33.49 -20.36 7.70
N TYR C 159 32.64 -20.07 8.68
CA TYR C 159 31.66 -18.99 8.61
C TYR C 159 32.08 -17.95 9.64
N GLY C 160 32.76 -16.90 9.16
CA GLY C 160 33.37 -15.94 10.06
C GLY C 160 34.51 -16.58 10.82
N VAL C 161 34.42 -16.58 12.16
CA VAL C 161 35.40 -17.25 13.00
C VAL C 161 34.92 -18.62 13.45
N MET C 162 33.81 -19.10 12.90
CA MET C 162 33.24 -20.39 13.26
C MET C 162 33.59 -21.42 12.21
N ARG C 163 34.05 -22.59 12.67
CA ARG C 163 34.45 -23.69 11.80
C ARG C 163 33.49 -24.86 12.00
N VAL C 164 32.90 -25.33 10.90
CA VAL C 164 31.91 -26.41 10.96
C VAL C 164 32.38 -27.52 10.02
N ARG C 165 32.38 -28.75 10.53
CA ARG C 165 32.78 -29.93 9.77
C ARG C 165 31.65 -30.94 9.76
N ASN C 166 31.26 -31.39 8.56
CA ASN C 166 30.21 -32.39 8.39
C ASN C 166 30.90 -33.75 8.29
N VAL C 167 30.80 -34.54 9.35
CA VAL C 167 31.51 -35.82 9.39
C VAL C 167 30.68 -36.99 8.89
N LYS C 168 29.34 -36.88 8.95
CA LYS C 168 28.49 -38.00 8.56
C LYS C 168 27.08 -37.51 8.28
N GLU C 169 26.48 -38.05 7.22
CA GLU C 169 25.10 -37.79 6.88
C GLU C 169 24.35 -39.11 6.83
N SER C 170 23.28 -39.23 7.61
CA SER C 170 22.43 -40.41 7.62
CA SER C 170 22.43 -40.41 7.62
C SER C 170 21.04 -40.03 7.18
N ALA C 171 20.39 -40.92 6.43
CA ALA C 171 19.06 -40.68 5.88
C ALA C 171 18.04 -41.60 6.53
N ALA C 172 16.88 -41.04 6.85
CA ALA C 172 15.72 -41.79 7.31
C ALA C 172 14.59 -41.59 6.30
N HIS C 173 13.41 -42.13 6.61
CA HIS C 173 12.28 -41.96 5.71
C HIS C 173 11.81 -40.52 5.67
N ASP C 174 11.74 -39.86 6.83
CA ASP C 174 11.14 -38.54 6.92
C ASP C 174 12.15 -37.41 7.05
N TYR C 175 13.43 -37.71 7.30
CA TYR C 175 14.39 -36.66 7.59
C TYR C 175 15.79 -37.12 7.24
N THR C 176 16.71 -36.16 7.25
CA THR C 176 18.14 -36.40 7.06
C THR C 176 18.88 -35.88 8.28
N LEU C 177 19.71 -36.73 8.88
CA LEU C 177 20.52 -36.38 10.03
C LEU C 177 21.95 -36.08 9.59
N ARG C 178 22.48 -34.95 10.03
CA ARG C 178 23.83 -34.53 9.68
C ARG C 178 24.59 -34.21 10.96
N GLU C 179 25.72 -34.89 11.18
CA GLU C 179 26.54 -34.70 12.37
C GLU C 179 27.59 -33.65 12.06
N LEU C 180 27.50 -32.50 12.74
CA LEU C 180 28.38 -31.37 12.49
C LEU C 180 29.30 -31.13 13.67
N LYS C 181 30.49 -30.59 13.37
CA LYS C 181 31.49 -30.25 14.38
C LYS C 181 31.72 -28.75 14.34
N LEU C 182 31.23 -28.04 15.36
CA LEU C 182 31.32 -26.59 15.41
C LEU C 182 32.41 -26.17 16.39
N SER C 183 33.28 -25.26 15.96
CA SER C 183 34.34 -24.76 16.83
C SER C 183 34.72 -23.34 16.39
N LYS C 184 35.40 -22.64 17.28
CA LYS C 184 35.91 -21.30 17.01
C LYS C 184 37.30 -21.41 16.42
N VAL C 185 37.51 -20.71 15.30
CA VAL C 185 38.80 -20.80 14.59
C VAL C 185 39.93 -20.34 15.51
N GLY C 186 41.02 -21.10 15.49
CA GLY C 186 42.10 -20.80 16.41
C GLY C 186 41.83 -21.21 17.83
N GLN C 187 40.86 -22.09 18.05
CA GLN C 187 40.49 -22.54 19.39
C GLN C 187 39.94 -23.95 19.34
N GLY C 188 40.82 -24.93 19.08
CA GLY C 188 40.37 -26.30 18.88
C GLY C 188 39.70 -26.91 20.10
N ASN C 189 39.92 -26.36 21.28
CA ASN C 189 39.32 -26.86 22.50
CA ASN C 189 39.31 -26.86 22.51
C ASN C 189 37.83 -26.56 22.60
N THR C 190 37.26 -25.84 21.62
CA THR C 190 35.86 -25.45 21.64
C THR C 190 34.98 -26.31 20.76
N GLU C 191 35.50 -27.42 20.23
CA GLU C 191 34.72 -28.24 19.31
C GLU C 191 33.65 -29.03 20.04
N ARG C 192 32.43 -28.98 19.49
CA ARG C 192 31.31 -29.77 20.01
C ARG C 192 30.49 -30.29 18.83
N THR C 193 29.80 -31.39 19.06
CA THR C 193 28.98 -32.00 18.02
C THR C 193 27.59 -31.37 18.01
N VAL C 194 27.16 -30.93 16.83
CA VAL C 194 25.85 -30.30 16.65
C VAL C 194 25.08 -31.16 15.66
N TRP C 195 24.04 -31.84 16.15
CA TRP C 195 23.26 -32.75 15.32
C TRP C 195 22.14 -31.97 14.64
N GLN C 196 22.10 -32.03 13.31
CA GLN C 196 21.14 -31.30 12.51
C GLN C 196 20.10 -32.29 11.96
N TYR C 197 18.87 -32.20 12.47
CA TYR C 197 17.76 -33.02 12.01
C TYR C 197 16.95 -32.21 11.02
N HIS C 198 17.00 -32.59 9.75
CA HIS C 198 16.37 -31.84 8.66
C HIS C 198 15.13 -32.60 8.20
N PHE C 199 13.95 -32.12 8.60
CA PHE C 199 12.70 -32.70 8.13
C PHE C 199 12.47 -32.35 6.66
N ARG C 200 12.07 -33.34 5.87
CA ARG C 200 11.88 -33.16 4.44
C ARG C 200 10.53 -33.65 3.91
N THR C 201 9.70 -34.29 4.73
CA THR C 201 8.44 -34.84 4.25
C THR C 201 7.33 -33.81 4.16
N TRP C 202 7.45 -32.70 4.89
CA TRP C 202 6.34 -31.77 5.05
C TRP C 202 5.81 -31.34 3.68
N PRO C 203 4.51 -31.50 3.43
CA PRO C 203 3.97 -31.18 2.11
C PRO C 203 4.05 -29.69 1.82
N ASP C 204 4.02 -29.37 0.52
CA ASP C 204 4.13 -27.99 0.09
C ASP C 204 2.96 -27.16 0.62
N HIS C 205 1.76 -27.73 0.66
CA HIS C 205 0.58 -27.07 1.18
C HIS C 205 0.00 -27.89 2.32
N GLY C 206 -0.41 -27.19 3.38
CA GLY C 206 -1.02 -27.86 4.51
C GLY C 206 0.00 -28.53 5.42
N VAL C 207 -0.50 -29.42 6.26
CA VAL C 207 0.29 -30.15 7.24
C VAL C 207 0.28 -31.63 6.87
N PRO C 208 1.14 -32.46 7.47
CA PRO C 208 1.05 -33.90 7.19
C PRO C 208 -0.29 -34.48 7.60
N SER C 209 -0.85 -35.32 6.72
CA SER C 209 -2.13 -35.94 7.01
C SER C 209 -2.04 -36.92 8.19
N ASP C 210 -0.86 -37.48 8.42
CA ASP C 210 -0.61 -38.37 9.54
C ASP C 210 0.55 -37.83 10.38
N PRO C 211 0.43 -37.84 11.70
CA PRO C 211 1.48 -37.28 12.56
C PRO C 211 2.55 -38.26 13.03
N GLY C 212 2.56 -39.49 12.52
CA GLY C 212 3.51 -40.47 13.00
C GLY C 212 4.95 -40.12 12.67
N GLY C 213 5.18 -39.59 11.47
CA GLY C 213 6.54 -39.23 11.09
C GLY C 213 7.10 -38.11 11.95
N VAL C 214 6.30 -37.06 12.16
CA VAL C 214 6.73 -35.96 13.02
C VAL C 214 6.99 -36.46 14.44
N LEU C 215 6.16 -37.39 14.92
CA LEU C 215 6.35 -37.89 16.28
C LEU C 215 7.62 -38.72 16.41
N ASP C 216 7.90 -39.60 15.44
CA ASP C 216 9.14 -40.37 15.49
CA ASP C 216 9.14 -40.37 15.49
C ASP C 216 10.36 -39.45 15.36
N PHE C 217 10.26 -38.43 14.51
CA PHE C 217 11.33 -37.45 14.35
C PHE C 217 11.61 -36.74 15.66
N LEU C 218 10.56 -36.26 16.32
CA LEU C 218 10.73 -35.57 17.60
C LEU C 218 11.20 -36.51 18.69
N GLU C 219 10.82 -37.79 18.62
CA GLU C 219 11.35 -38.76 19.56
C GLU C 219 12.86 -38.91 19.42
N GLU C 220 13.35 -39.02 18.18
CA GLU C 220 14.78 -39.08 17.96
C GLU C 220 15.48 -37.81 18.44
N VAL C 221 14.89 -36.65 18.14
CA VAL C 221 15.46 -35.37 18.58
C VAL C 221 15.54 -35.32 20.10
N HIS C 222 14.47 -35.77 20.78
CA HIS C 222 14.43 -35.74 22.24
C HIS C 222 15.47 -36.68 22.84
N HIS C 223 15.61 -37.89 22.28
CA HIS C 223 16.62 -38.82 22.76
C HIS C 223 18.02 -38.21 22.63
N LYS C 224 18.32 -37.64 21.45
CA LYS C 224 19.64 -37.06 21.23
C LYS C 224 19.90 -35.89 22.19
N GLN C 225 18.91 -35.02 22.38
CA GLN C 225 19.09 -33.87 23.25
C GLN C 225 19.26 -34.30 24.70
N GLU C 226 18.51 -35.31 25.14
CA GLU C 226 18.61 -35.78 26.51
C GLU C 226 19.90 -36.57 26.76
N SER C 227 20.52 -37.11 25.71
CA SER C 227 21.74 -37.88 25.88
C SER C 227 22.99 -37.02 26.01
N ILE C 228 22.90 -35.70 25.82
CA ILE C 228 24.05 -34.81 25.86
C ILE C 228 24.00 -34.00 27.15
N MET C 229 25.15 -33.86 27.81
CA MET C 229 25.23 -33.26 29.14
C MET C 229 25.46 -31.77 28.99
N ASP C 230 24.66 -30.96 29.71
CA ASP C 230 24.73 -29.50 29.65
C ASP C 230 24.51 -28.97 28.23
N ALA C 231 23.60 -29.60 27.49
CA ALA C 231 23.30 -29.13 26.14
C ALA C 231 22.41 -27.90 26.19
N GLY C 232 22.68 -26.95 25.31
CA GLY C 232 21.91 -25.72 25.25
C GLY C 232 20.55 -25.91 24.62
N PRO C 233 19.88 -24.81 24.29
CA PRO C 233 18.54 -24.90 23.71
C PRO C 233 18.55 -25.56 22.34
N VAL C 234 17.46 -26.24 22.03
CA VAL C 234 17.29 -26.87 20.73
C VAL C 234 16.85 -25.82 19.72
N VAL C 235 17.58 -25.70 18.62
CA VAL C 235 17.30 -24.71 17.59
C VAL C 235 16.26 -25.27 16.62
N VAL C 236 15.18 -24.51 16.41
CA VAL C 236 14.14 -24.84 15.45
C VAL C 236 13.96 -23.62 14.54
N HIS C 237 14.19 -23.80 13.24
CA HIS C 237 14.20 -22.66 12.33
C HIS C 237 13.72 -23.09 10.95
N CYS C 238 13.91 -22.15 9.99
CA CYS C 238 13.62 -22.20 8.56
CA CYS C 238 13.59 -22.23 8.56
C CYS C 238 12.46 -21.26 8.21
N SER C 239 12.64 -20.48 7.15
CA SER C 239 11.64 -19.53 6.61
C SER C 239 11.35 -18.50 7.70
N ALA C 240 10.09 -18.24 8.04
CA ALA C 240 9.78 -17.20 9.01
C ALA C 240 10.12 -17.64 10.43
N GLY C 241 10.03 -18.94 10.71
CA GLY C 241 10.36 -19.45 12.03
C GLY C 241 9.31 -19.22 13.09
N ILE C 242 8.03 -19.36 12.73
CA ILE C 242 6.94 -19.21 13.69
C ILE C 242 5.86 -20.25 13.42
N GLY C 243 5.68 -20.62 12.16
CA GLY C 243 4.63 -21.54 11.79
C GLY C 243 4.93 -22.99 12.11
N ARG C 244 5.63 -23.67 11.19
CA ARG C 244 6.07 -25.03 11.46
C ARG C 244 6.96 -25.08 12.68
N THR C 245 7.78 -24.05 12.88
CA THR C 245 8.57 -23.94 14.10
C THR C 245 7.68 -24.00 15.33
N GLY C 246 6.58 -23.25 15.31
CA GLY C 246 5.67 -23.25 16.44
C GLY C 246 4.99 -24.59 16.65
N THR C 247 4.53 -25.21 15.55
CA THR C 247 3.91 -26.53 15.65
C THR C 247 4.88 -27.51 16.30
N PHE C 248 6.13 -27.55 15.81
CA PHE C 248 7.12 -28.47 16.36
C PHE C 248 7.38 -28.22 17.83
N ILE C 249 7.59 -26.95 18.21
CA ILE C 249 7.94 -26.64 19.59
C ILE C 249 6.78 -26.98 20.54
N VAL C 250 5.55 -26.60 20.17
CA VAL C 250 4.41 -26.87 21.04
C VAL C 250 4.16 -28.36 21.17
N ILE C 251 4.26 -29.10 20.05
CA ILE C 251 4.11 -30.55 20.12
C ILE C 251 5.16 -31.14 21.05
N ASP C 252 6.41 -30.69 20.93
CA ASP C 252 7.46 -31.23 21.79
C ASP C 252 7.18 -30.97 23.26
N ILE C 253 6.70 -29.75 23.58
CA ILE C 253 6.40 -29.42 24.98
C ILE C 253 5.31 -30.32 25.52
N LEU C 254 4.22 -30.48 24.77
CA LEU C 254 3.11 -31.30 25.25
C LEU C 254 3.49 -32.77 25.37
N ILE C 255 4.31 -33.27 24.42
CA ILE C 255 4.76 -34.65 24.49
C ILE C 255 5.67 -34.86 25.69
N ASP C 256 6.48 -33.85 26.02
CA ASP C 256 7.31 -33.97 27.23
C ASP C 256 6.44 -33.99 28.48
N ILE C 257 5.36 -33.21 28.50
CA ILE C 257 4.42 -33.27 29.62
C ILE C 257 3.86 -34.67 29.78
N ILE C 258 3.41 -35.27 28.67
CA ILE C 258 2.86 -36.62 28.72
C ILE C 258 3.93 -37.62 29.15
N ARG C 259 5.17 -37.42 28.69
CA ARG C 259 6.26 -38.32 29.05
C ARG C 259 6.53 -38.27 30.55
N GLU C 260 6.43 -37.08 31.15
CA GLU C 260 6.76 -36.95 32.56
C GLU C 260 5.62 -37.37 33.47
N LYS C 261 4.37 -37.12 33.09
CA LYS C 261 3.25 -37.36 33.99
C LYS C 261 2.25 -38.41 33.52
N GLY C 262 2.28 -38.82 32.25
CA GLY C 262 1.33 -39.79 31.77
C GLY C 262 0.07 -39.15 31.21
N VAL C 263 -0.99 -39.95 31.15
CA VAL C 263 -2.24 -39.45 30.60
C VAL C 263 -2.97 -38.54 31.58
N ASP C 264 -2.79 -38.75 32.89
CA ASP C 264 -3.46 -37.94 33.90
C ASP C 264 -2.70 -36.62 34.06
N CYS C 265 -2.90 -35.74 33.09
CA CYS C 265 -2.29 -34.42 33.08
C CYS C 265 -3.13 -33.50 32.22
N ASP C 266 -2.94 -32.21 32.39
CA ASP C 266 -3.67 -31.21 31.64
C ASP C 266 -2.90 -30.86 30.37
N ILE C 267 -3.52 -31.08 29.22
CA ILE C 267 -2.97 -30.69 27.93
C ILE C 267 -3.83 -29.54 27.42
N ASP C 268 -3.35 -28.31 27.62
CA ASP C 268 -4.05 -27.11 27.22
C ASP C 268 -3.31 -26.52 26.02
N VAL C 269 -3.80 -26.80 24.82
CA VAL C 269 -3.16 -26.35 23.58
C VAL C 269 -3.25 -24.83 23.46
N PRO C 270 -4.42 -24.20 23.64
CA PRO C 270 -4.44 -22.73 23.54
C PRO C 270 -3.57 -22.04 24.57
N LYS C 271 -3.54 -22.56 25.81
CA LYS C 271 -2.69 -21.94 26.84
C LYS C 271 -1.21 -22.08 26.49
N THR C 272 -0.81 -23.23 25.95
CA THR C 272 0.58 -23.41 25.56
C THR C 272 0.94 -22.49 24.39
N ILE C 273 0.02 -22.35 23.43
CA ILE C 273 0.27 -21.45 22.31
C ILE C 273 0.40 -20.00 22.80
N GLN C 274 -0.45 -19.61 23.76
CA GLN C 274 -0.35 -18.27 24.32
C GLN C 274 0.97 -18.07 25.06
N MET C 275 1.40 -19.09 25.81
CA MET C 275 2.63 -18.97 26.58
C MET C 275 3.84 -18.85 25.68
N VAL C 276 3.90 -19.65 24.61
CA VAL C 276 5.03 -19.54 23.69
C VAL C 276 4.91 -18.28 22.83
N ARG C 277 3.71 -17.74 22.65
CA ARG C 277 3.55 -16.52 21.88
C ARG C 277 3.96 -15.28 22.65
N SER C 278 4.05 -15.36 23.98
CA SER C 278 4.60 -14.25 24.77
C SER C 278 6.11 -14.15 24.65
N GLN C 279 6.76 -15.13 24.00
CA GLN C 279 8.20 -15.09 23.79
C GLN C 279 8.59 -14.97 22.32
N ARG C 280 7.69 -15.33 21.39
CA ARG C 280 7.90 -15.10 19.97
C ARG C 280 6.53 -14.95 19.33
N SER C 281 6.34 -13.85 18.60
CA SER C 281 5.02 -13.51 18.07
C SER C 281 4.60 -14.48 16.98
N GLY C 282 3.37 -14.99 17.08
CA GLY C 282 2.75 -15.73 15.99
C GLY C 282 3.11 -17.19 15.89
N MET C 283 3.59 -17.79 16.96
CA MET C 283 3.93 -19.20 16.95
C MET C 283 2.67 -20.03 16.66
N VAL C 284 2.76 -20.94 15.68
CA VAL C 284 1.63 -21.66 15.12
C VAL C 284 0.70 -20.67 14.42
N GLN C 285 0.60 -20.78 13.09
CA GLN C 285 -0.02 -19.74 12.28
C GLN C 285 -1.32 -20.17 11.62
N THR C 286 -1.44 -21.41 11.15
CA THR C 286 -2.62 -21.83 10.42
C THR C 286 -3.50 -22.75 11.29
N GLU C 287 -4.77 -22.84 10.89
CA GLU C 287 -5.69 -23.74 11.59
C GLU C 287 -5.31 -25.20 11.40
N ALA C 288 -4.74 -25.53 10.23
CA ALA C 288 -4.29 -26.90 10.00
C ALA C 288 -3.21 -27.30 11.00
N GLN C 289 -2.28 -26.39 11.31
CA GLN C 289 -1.25 -26.69 12.31
C GLN C 289 -1.85 -26.80 13.70
N TYR C 290 -2.83 -25.95 14.01
CA TYR C 290 -3.52 -26.02 15.28
C TYR C 290 -4.17 -27.40 15.47
N ARG C 291 -4.83 -27.91 14.43
CA ARG C 291 -5.42 -29.24 14.51
C ARG C 291 -4.35 -30.32 14.53
N PHE C 292 -3.25 -30.12 13.80
CA PHE C 292 -2.17 -31.10 13.76
C PHE C 292 -1.54 -31.30 15.13
N ILE C 293 -1.48 -30.24 15.95
CA ILE C 293 -0.96 -30.39 17.31
C ILE C 293 -1.83 -31.37 18.10
N TYR C 294 -3.16 -31.19 18.02
CA TYR C 294 -4.07 -32.11 18.70
C TYR C 294 -3.90 -33.53 18.20
N MET C 295 -3.82 -33.70 16.88
CA MET C 295 -3.68 -35.04 16.32
C MET C 295 -2.38 -35.68 16.77
N ALA C 296 -1.30 -34.91 16.85
CA ALA C 296 -0.02 -35.44 17.29
C ALA C 296 -0.06 -35.87 18.76
N VAL C 297 -0.67 -35.04 19.61
CA VAL C 297 -0.76 -35.41 21.03
C VAL C 297 -1.58 -36.69 21.18
N GLN C 298 -2.72 -36.77 20.49
CA GLN C 298 -3.56 -37.96 20.57
C GLN C 298 -2.82 -39.20 20.06
N HIS C 299 -2.09 -39.05 18.94
CA HIS C 299 -1.35 -40.17 18.39
C HIS C 299 -0.26 -40.64 19.35
N TYR C 300 0.42 -39.69 20.01
CA TYR C 300 1.45 -40.07 20.96
C TYR C 300 0.86 -40.82 22.15
N ILE C 301 -0.30 -40.37 22.64
CA ILE C 301 -0.93 -41.06 23.76
C ILE C 301 -1.35 -42.47 23.34
N GLU C 302 -1.96 -42.61 22.16
CA GLU C 302 -2.44 -43.92 21.73
C GLU C 302 -1.32 -44.88 21.39
N THR C 303 -0.17 -44.36 20.93
CA THR C 303 0.93 -45.24 20.57
C THR C 303 1.68 -45.73 21.81
N LEU C 304 1.74 -44.91 22.85
CA LEU C 304 2.48 -45.26 24.06
C LEU C 304 2.01 -44.43 25.26
N GLY D 1 8.73 3.19 14.84
CA GLY D 1 7.67 2.24 14.58
C GLY D 1 7.04 2.40 13.21
N SER D 2 6.66 1.28 12.59
CA SER D 2 6.07 1.28 11.27
C SER D 2 4.75 0.54 11.29
N VAL D 3 3.85 0.92 10.38
CA VAL D 3 2.56 0.27 10.22
C VAL D 3 2.24 0.22 8.73
N SER D 4 1.62 -0.88 8.30
CA SER D 4 1.43 -1.13 6.88
C SER D 4 0.03 -1.66 6.61
N SER D 5 -0.54 -1.25 5.48
CA SER D 5 -1.85 -1.72 5.04
C SER D 5 -1.67 -2.96 4.17
N VAL D 6 -2.27 -4.08 4.57
CA VAL D 6 -2.16 -5.34 3.86
C VAL D 6 -3.56 -5.91 3.66
N PRO D 7 -4.03 -6.10 2.42
CA PRO D 7 -3.32 -5.73 1.18
C PRO D 7 -3.48 -4.25 0.86
N THR D 8 -2.92 -3.82 -0.28
CA THR D 8 -3.00 -2.42 -0.69
C THR D 8 -4.07 -2.16 -1.74
N LYS D 9 -4.52 -3.19 -2.45
CA LYS D 9 -5.52 -3.03 -3.50
C LYS D 9 -6.50 -4.19 -3.44
N LEU D 10 -7.73 -3.92 -3.87
CA LEU D 10 -8.78 -4.96 -3.88
C LEU D 10 -9.71 -4.70 -5.05
N GLU D 11 -9.80 -5.68 -5.95
CA GLU D 11 -10.58 -5.60 -7.18
C GLU D 11 -11.72 -6.60 -7.13
N VAL D 12 -12.87 -6.20 -7.69
CA VAL D 12 -14.07 -7.04 -7.67
C VAL D 12 -14.66 -7.14 -9.07
N VAL D 13 -14.06 -7.97 -9.93
CA VAL D 13 -14.58 -8.12 -11.28
C VAL D 13 -15.63 -9.24 -11.31
N LEU D 20 -19.00 -13.20 -7.48
CA LEU D 20 -18.03 -12.13 -7.54
C LEU D 20 -16.61 -12.68 -7.50
N LEU D 21 -15.80 -12.29 -8.50
CA LEU D 21 -14.40 -12.70 -8.58
C LEU D 21 -13.53 -11.56 -8.06
N ILE D 22 -12.90 -11.78 -6.91
CA ILE D 22 -12.13 -10.73 -6.25
C ILE D 22 -10.65 -11.07 -6.32
N SER D 23 -9.83 -10.02 -6.31
CA SER D 23 -8.38 -10.12 -6.40
C SER D 23 -7.74 -9.07 -5.52
N TRP D 24 -6.53 -9.34 -5.05
CA TRP D 24 -5.82 -8.40 -4.19
C TRP D 24 -4.33 -8.48 -4.45
N ASP D 25 -3.64 -7.40 -4.11
CA ASP D 25 -2.19 -7.31 -4.28
C ASP D 25 -1.48 -7.88 -3.06
N ALA D 26 -0.15 -7.81 -3.08
CA ALA D 26 0.65 -8.36 -1.99
C ALA D 26 1.83 -7.43 -1.70
N VAL D 27 2.13 -7.27 -0.41
CA VAL D 27 3.30 -6.50 0.00
C VAL D 27 4.54 -7.37 -0.17
N ASP D 28 5.65 -6.75 -0.56
CA ASP D 28 6.82 -7.52 -1.00
C ASP D 28 7.44 -8.31 0.15
N GLU D 29 7.74 -7.64 1.26
CA GLU D 29 8.47 -8.26 2.37
C GLU D 29 7.59 -8.55 3.57
N TRP D 30 6.28 -8.70 3.35
CA TRP D 30 5.32 -8.87 4.44
C TRP D 30 4.84 -10.32 4.48
N TYR D 31 4.98 -10.95 5.64
CA TYR D 31 4.55 -12.34 5.81
C TYR D 31 3.04 -12.39 6.00
N VAL D 32 2.39 -13.27 5.25
CA VAL D 32 0.95 -13.51 5.34
C VAL D 32 0.74 -15.01 5.38
N SER D 33 0.23 -15.52 6.51
CA SER D 33 -0.02 -16.94 6.62
C SER D 33 -1.27 -17.34 5.84
N TYR D 34 -2.32 -16.52 5.90
CA TYR D 34 -3.52 -16.76 5.12
C TYR D 34 -4.34 -15.48 5.08
N TYR D 35 -5.38 -15.50 4.24
CA TYR D 35 -6.33 -14.41 4.13
C TYR D 35 -7.71 -14.90 4.52
N ARG D 36 -8.48 -14.02 5.13
CA ARG D 36 -9.87 -14.30 5.50
C ARG D 36 -10.78 -13.34 4.76
N ILE D 37 -11.65 -13.87 3.93
CA ILE D 37 -12.59 -13.08 3.16
C ILE D 37 -13.96 -13.18 3.82
N THR D 38 -14.50 -12.02 4.17
CA THR D 38 -15.82 -11.93 4.75
C THR D 38 -16.70 -11.10 3.82
N TYR D 39 -17.93 -11.54 3.64
CA TYR D 39 -18.90 -10.78 2.85
C TYR D 39 -20.23 -10.75 3.57
N GLY D 40 -20.95 -9.65 3.36
CA GLY D 40 -22.24 -9.48 3.97
C GLY D 40 -23.03 -8.39 3.26
N GLU D 41 -24.23 -8.14 3.78
CA GLU D 41 -25.10 -7.09 3.25
C GLU D 41 -24.76 -5.77 3.95
N THR D 42 -24.50 -4.74 3.16
CA THR D 42 -24.08 -3.44 3.68
C THR D 42 -25.13 -2.85 4.64
N PRO D 47 -25.71 -12.20 8.79
CA PRO D 47 -25.16 -11.42 7.68
C PRO D 47 -23.70 -11.73 7.40
N VAL D 48 -22.91 -11.85 8.47
CA VAL D 48 -21.47 -12.03 8.33
C VAL D 48 -21.20 -13.45 7.85
N GLN D 49 -20.79 -13.58 6.59
CA GLN D 49 -20.30 -14.85 6.06
C GLN D 49 -18.81 -14.73 5.84
N GLU D 50 -18.07 -15.84 6.03
CA GLU D 50 -16.62 -15.79 5.96
CA GLU D 50 -16.63 -15.78 5.93
C GLU D 50 -16.08 -17.11 5.42
N PHE D 51 -14.86 -17.04 4.91
CA PHE D 51 -14.08 -18.22 4.52
C PHE D 51 -12.63 -17.79 4.42
N THR D 52 -11.73 -18.76 4.25
CA THR D 52 -10.31 -18.48 4.25
C THR D 52 -9.66 -18.98 2.96
N VAL D 53 -8.47 -18.46 2.70
CA VAL D 53 -7.70 -18.80 1.50
C VAL D 53 -6.22 -18.72 1.90
N PRO D 54 -5.35 -19.53 1.32
CA PRO D 54 -3.94 -19.50 1.75
C PRO D 54 -3.26 -18.17 1.43
N GLY D 55 -2.13 -17.94 2.10
CA GLY D 55 -1.41 -16.69 1.95
C GLY D 55 -0.68 -16.55 0.62
N TYR D 56 -0.50 -17.65 -0.10
CA TYR D 56 0.16 -17.60 -1.41
CA TYR D 56 0.16 -17.57 -1.40
C TYR D 56 -0.78 -17.13 -2.51
N SER D 57 -2.09 -17.33 -2.33
CA SER D 57 -3.06 -16.96 -3.34
C SER D 57 -3.43 -15.49 -3.22
N SER D 58 -3.95 -14.94 -4.33
CA SER D 58 -4.35 -13.55 -4.38
C SER D 58 -5.71 -13.35 -5.03
N THR D 59 -6.43 -14.42 -5.33
CA THR D 59 -7.74 -14.36 -5.99
C THR D 59 -8.73 -15.26 -5.23
N ALA D 60 -10.01 -14.99 -5.45
CA ALA D 60 -11.04 -15.81 -4.82
C ALA D 60 -12.39 -15.54 -5.48
N THR D 61 -13.36 -16.38 -5.10
CA THR D 61 -14.70 -16.37 -5.66
C THR D 61 -15.71 -16.59 -4.55
N ILE D 62 -16.78 -15.79 -4.56
CA ILE D 62 -17.85 -15.89 -3.58
C ILE D 62 -19.14 -16.21 -4.32
N SER D 63 -19.77 -17.33 -3.97
CA SER D 63 -21.01 -17.75 -4.61
C SER D 63 -22.14 -17.87 -3.59
N VAL D 69 -28.55 -6.52 -4.16
CA VAL D 69 -28.10 -6.36 -2.79
C VAL D 69 -26.72 -5.68 -2.76
N ASP D 70 -26.59 -4.67 -1.90
CA ASP D 70 -25.32 -3.98 -1.73
C ASP D 70 -24.42 -4.83 -0.84
N TYR D 71 -23.45 -5.49 -1.44
CA TYR D 71 -22.60 -6.45 -0.75
C TYR D 71 -21.27 -5.81 -0.38
N THR D 72 -20.91 -5.90 0.90
CA THR D 72 -19.63 -5.44 1.40
C THR D 72 -18.69 -6.64 1.55
N ILE D 73 -17.48 -6.50 1.00
CA ILE D 73 -16.45 -7.54 1.02
C ILE D 73 -15.26 -6.99 1.77
N THR D 74 -14.67 -7.82 2.64
CA THR D 74 -13.56 -7.43 3.48
C THR D 74 -12.49 -8.51 3.45
N VAL D 75 -11.23 -8.09 3.34
CA VAL D 75 -10.10 -9.00 3.23
C VAL D 75 -9.18 -8.78 4.43
N TYR D 76 -8.93 -9.85 5.19
CA TYR D 76 -8.05 -9.83 6.34
C TYR D 76 -6.78 -10.61 6.02
N ALA D 77 -5.64 -10.11 6.49
CA ALA D 77 -4.36 -10.78 6.32
C ALA D 77 -3.84 -11.21 7.68
N TYR D 78 -3.45 -12.49 7.81
CA TYR D 78 -2.93 -12.99 9.07
C TYR D 78 -1.43 -13.25 8.97
N PRO D 79 -0.64 -12.90 10.00
CA PRO D 79 -1.04 -12.31 11.28
C PRO D 79 -1.54 -10.86 11.16
N LEU D 80 -2.21 -10.38 12.20
CA LEU D 80 -2.97 -9.13 12.13
C LEU D 80 -2.23 -7.93 12.69
N TRP D 81 -1.07 -8.12 13.32
CA TRP D 81 -0.42 -7.01 14.00
C TRP D 81 0.24 -6.06 13.00
N SER D 82 0.55 -4.86 13.48
CA SER D 82 1.30 -3.85 12.72
C SER D 82 0.59 -3.44 11.43
N GLN D 83 -0.74 -3.49 11.42
CA GLN D 83 -1.52 -3.08 10.26
C GLN D 83 -2.26 -1.77 10.56
N GLY D 84 -2.64 -1.09 9.50
CA GLY D 84 -3.13 0.28 9.55
C GLY D 84 -4.19 0.58 10.60
N GLY D 85 -4.91 -0.44 11.04
CA GLY D 85 -5.96 -0.28 12.02
C GLY D 85 -7.32 -0.74 11.57
N SER D 86 -7.51 -1.00 10.27
CA SER D 86 -8.76 -1.51 9.74
C SER D 86 -8.45 -2.27 8.46
N PRO D 87 -9.22 -3.30 8.13
CA PRO D 87 -8.94 -4.08 6.92
C PRO D 87 -9.49 -3.41 5.67
N ILE D 88 -9.06 -3.93 4.52
CA ILE D 88 -9.50 -3.41 3.24
C ILE D 88 -10.86 -4.00 2.89
N SER D 89 -11.69 -3.18 2.24
CA SER D 89 -13.06 -3.54 1.96
C SER D 89 -13.54 -2.83 0.70
N ILE D 90 -14.53 -3.43 0.05
CA ILE D 90 -15.14 -2.88 -1.16
CA ILE D 90 -15.14 -2.88 -1.15
C ILE D 90 -16.64 -3.04 -1.07
N ASN D 91 -17.36 -2.17 -1.76
CA ASN D 91 -18.81 -2.20 -1.85
C ASN D 91 -19.21 -2.62 -3.26
N TYR D 92 -20.32 -3.35 -3.36
CA TYR D 92 -20.79 -3.87 -4.63
C TYR D 92 -22.32 -3.77 -4.67
N ARG D 93 -22.89 -4.31 -5.74
CA ARG D 93 -24.35 -4.32 -5.91
C ARG D 93 -24.70 -5.55 -6.73
N THR D 94 -25.30 -6.55 -6.08
CA THR D 94 -25.67 -7.78 -6.77
C THR D 94 -27.06 -8.26 -6.33
#